data_4HYF
#
_entry.id   4HYF
#
_cell.length_a   151.540
_cell.length_b   151.540
_cell.length_c   140.520
_cell.angle_alpha   90.00
_cell.angle_beta   90.00
_cell.angle_gamma   120.00
#
_symmetry.space_group_name_H-M   'P 32 2 1'
#
loop_
_entity.id
_entity.type
_entity.pdbx_description
1 polymer Tankyrase-2
2 non-polymer NICOTINAMIDE
3 non-polymer 'ZINC ION'
4 non-polymer 4-{5-[(E)-2-{4-(2-chlorophenyl)-5-[5-(methylsulfonyl)pyridin-2-yl]-4H-1,2,4-triazol-3-yl}ethenyl]-1,3,4-oxadiazol-2-yl}benzonitrile
5 water water
#
_entity_poly.entity_id   1
_entity_poly.type   'polypeptide(L)'
_entity_poly.pdbx_seq_one_letter_code
;MHHHHHHSSGVDLGTENLYFQSMLNTSGSGTILIDLSPDDKEFQSVEEEMQSTVREHRDGGHAGGIFNRYNILKIQKVCN
KKLWERYTHRRKEVSEENHNHANERMLFHGSPFVNAIIHKGFDERHAYIGGMFGAGIYFAENSSKSNQYVYGIGGGTGCP
VHKDRSCYICHRQLLFCRVTLGKSFLQFSAMKMAHSPPGHHSVTGRPSVNGLALAEYVIYRGEQAYPEYLITYQIMRPEG
;
_entity_poly.pdbx_strand_id   A,B,C
#
# COMPACT_ATOMS: atom_id res chain seq x y z
N GLY A 14 17.89 9.43 -7.42
CA GLY A 14 17.84 10.32 -6.28
C GLY A 14 17.65 9.59 -4.96
N THR A 15 18.30 10.09 -3.91
CA THR A 15 18.22 9.47 -2.60
C THR A 15 17.51 10.38 -1.59
N GLU A 16 16.87 11.43 -2.07
CA GLU A 16 16.10 12.32 -1.22
C GLU A 16 14.65 11.87 -1.19
N ASN A 17 14.00 12.04 -0.04
CA ASN A 17 12.58 11.71 0.08
C ASN A 17 11.71 12.85 -0.40
N LEU A 18 11.44 12.87 -1.70
CA LEU A 18 10.65 13.93 -2.30
C LEU A 18 9.21 13.50 -2.52
N TYR A 19 9.05 12.28 -3.02
CA TYR A 19 7.74 11.77 -3.40
C TYR A 19 6.95 11.17 -2.25
N PHE A 20 7.64 10.72 -1.20
CA PHE A 20 6.98 9.89 -0.18
C PHE A 20 7.02 10.46 1.24
N GLN A 21 6.81 11.77 1.37
CA GLN A 21 6.81 12.42 2.67
C GLN A 21 5.49 12.19 3.41
N SER A 22 5.52 12.28 4.73
CA SER A 22 4.31 12.12 5.53
C SER A 22 3.41 13.33 5.39
N MET A 23 2.10 13.09 5.30
CA MET A 23 1.12 14.17 5.22
C MET A 23 0.74 14.64 6.61
N LEU A 24 0.63 15.96 6.78
CA LEU A 24 0.29 16.53 8.08
C LEU A 24 -1.11 17.13 8.07
N ASN A 25 -1.75 17.13 9.24
CA ASN A 25 -3.12 17.59 9.38
C ASN A 25 -3.33 19.02 8.89
N THR A 26 -4.08 19.16 7.79
CA THR A 26 -4.45 20.46 7.27
C THR A 26 -5.33 21.18 8.28
N SER A 27 -6.56 20.69 8.44
CA SER A 27 -7.45 21.19 9.49
C SER A 27 -8.41 20.13 10.07
N GLY A 28 -9.26 19.48 9.26
CA GLY A 28 -9.40 19.69 7.82
C GLY A 28 -10.83 19.40 7.42
N SER A 29 -11.23 19.84 6.22
CA SER A 29 -12.59 19.60 5.76
C SER A 29 -12.76 18.40 4.79
N GLY A 30 -12.08 18.37 3.64
CA GLY A 30 -11.20 19.43 3.18
C GLY A 30 -10.07 18.97 2.27
N THR A 31 -10.21 19.26 0.98
CA THR A 31 -9.07 19.15 0.07
C THR A 31 -8.41 20.52 -0.10
N ILE A 32 -7.18 20.63 0.37
CA ILE A 32 -6.42 21.85 0.24
C ILE A 32 -5.29 21.64 -0.75
N LEU A 33 -5.17 22.57 -1.71
CA LEU A 33 -4.09 22.53 -2.68
C LEU A 33 -2.92 23.39 -2.22
N ILE A 34 -1.70 22.83 -2.28
CA ILE A 34 -0.50 23.56 -1.90
C ILE A 34 0.31 23.89 -3.15
N ASP A 35 0.55 25.19 -3.38
CA ASP A 35 1.27 25.63 -4.56
C ASP A 35 2.78 25.50 -4.41
N LEU A 36 3.37 24.62 -5.20
CA LEU A 36 4.81 24.42 -5.21
C LEU A 36 5.49 25.39 -6.17
N SER A 37 6.50 26.11 -5.68
CA SER A 37 7.25 27.03 -6.52
C SER A 37 8.24 26.24 -7.37
N PRO A 38 8.53 26.73 -8.58
CA PRO A 38 9.43 26.06 -9.53
C PRO A 38 10.87 25.93 -9.04
N ASP A 39 11.21 26.63 -7.95
CA ASP A 39 12.55 26.61 -7.41
C ASP A 39 12.72 25.47 -6.40
N ASP A 40 11.60 24.91 -5.97
CA ASP A 40 11.59 23.76 -5.07
C ASP A 40 12.00 22.51 -5.85
N LYS A 41 12.80 21.65 -5.25
CA LYS A 41 13.27 20.45 -5.92
C LYS A 41 12.16 19.42 -6.13
N GLU A 42 11.09 19.53 -5.34
CA GLU A 42 9.95 18.65 -5.49
C GLU A 42 9.20 18.97 -6.79
N PHE A 43 9.03 20.27 -7.05
CA PHE A 43 8.43 20.74 -8.30
C PHE A 43 9.24 20.24 -9.49
N GLN A 44 10.55 20.46 -9.42
CA GLN A 44 11.45 20.14 -10.53
C GLN A 44 11.49 18.65 -10.84
N SER A 45 11.46 17.82 -9.80
CA SER A 45 11.48 16.37 -9.98
C SER A 45 10.24 15.90 -10.72
N VAL A 46 9.07 16.34 -10.25
CA VAL A 46 7.81 15.99 -10.89
C VAL A 46 7.74 16.51 -12.32
N GLU A 47 8.25 17.73 -12.52
CA GLU A 47 8.29 18.34 -13.85
C GLU A 47 9.15 17.51 -14.80
N GLU A 48 10.34 17.14 -14.35
CA GLU A 48 11.26 16.37 -15.18
C GLU A 48 10.73 14.97 -15.46
N GLU A 49 10.06 14.38 -14.47
CA GLU A 49 9.45 13.07 -14.65
C GLU A 49 8.34 13.16 -15.68
N MET A 50 7.61 14.27 -15.65
CA MET A 50 6.57 14.54 -16.63
C MET A 50 7.15 14.69 -18.04
N GLN A 51 8.21 15.48 -18.16
CA GLN A 51 8.81 15.78 -19.46
C GLN A 51 9.56 14.60 -20.08
N SER A 52 10.30 13.88 -19.25
CA SER A 52 11.21 12.85 -19.74
C SER A 52 10.54 11.53 -20.12
N THR A 53 9.33 11.30 -19.61
CA THR A 53 8.65 10.03 -19.86
C THR A 53 7.72 10.06 -21.08
N VAL A 54 7.88 11.07 -21.92
CA VAL A 54 7.07 11.19 -23.14
C VAL A 54 7.58 10.26 -24.24
N ARG A 55 6.69 9.47 -24.82
CA ARG A 55 7.05 8.56 -25.90
C ARG A 55 6.26 8.83 -27.17
N GLU A 56 6.76 8.35 -28.30
CA GLU A 56 6.08 8.46 -29.58
C GLU A 56 5.04 7.34 -29.72
N HIS A 57 3.77 7.71 -29.76
CA HIS A 57 2.68 6.73 -29.71
C HIS A 57 2.28 6.15 -31.07
N ARG A 58 1.69 4.96 -31.04
CA ARG A 58 1.35 4.22 -32.25
C ARG A 58 0.21 4.84 -33.07
N ASP A 59 -0.67 5.58 -32.40
CA ASP A 59 -1.82 6.17 -33.08
C ASP A 59 -1.43 7.37 -33.93
N GLY A 60 -0.19 7.84 -33.77
CA GLY A 60 0.26 9.04 -34.44
C GLY A 60 -0.14 10.27 -33.66
N GLY A 61 -0.55 10.07 -32.41
CA GLY A 61 -1.03 11.13 -31.55
C GLY A 61 -2.51 11.38 -31.72
N HIS A 62 -3.20 10.37 -32.25
CA HIS A 62 -4.63 10.50 -32.56
C HIS A 62 -5.49 10.75 -31.33
N ALA A 63 -5.03 10.28 -30.17
CA ALA A 63 -5.80 10.39 -28.94
C ALA A 63 -5.30 11.52 -28.04
N GLY A 64 -3.99 11.53 -27.79
CA GLY A 64 -3.42 12.48 -26.86
C GLY A 64 -3.00 13.78 -27.50
N GLY A 65 -2.65 13.73 -28.79
CA GLY A 65 -2.19 14.90 -29.50
C GLY A 65 -0.76 14.74 -30.00
N ILE A 66 -0.32 15.68 -30.82
CA ILE A 66 1.03 15.64 -31.37
C ILE A 66 1.95 16.57 -30.61
N PHE A 67 2.93 16.00 -29.92
CA PHE A 67 3.86 16.80 -29.10
C PHE A 67 5.12 16.04 -28.70
N ASN A 68 6.08 16.77 -28.13
CA ASN A 68 7.33 16.20 -27.63
C ASN A 68 7.53 16.56 -26.17
N ARG A 69 6.95 17.69 -25.77
CA ARG A 69 7.07 18.19 -24.40
C ARG A 69 5.81 18.95 -24.01
N TYR A 70 5.74 19.37 -22.75
CA TYR A 70 4.60 20.14 -22.28
C TYR A 70 5.00 21.52 -21.82
N ASN A 71 4.00 22.36 -21.57
CA ASN A 71 4.20 23.63 -20.90
C ASN A 71 3.64 23.50 -19.49
N ILE A 72 4.49 23.10 -18.55
CA ILE A 72 4.07 22.92 -17.16
C ILE A 72 3.72 24.29 -16.55
N LEU A 73 2.47 24.45 -16.15
CA LEU A 73 1.97 25.74 -15.66
C LEU A 73 1.91 25.78 -14.14
N LYS A 74 1.46 24.69 -13.54
CA LYS A 74 1.35 24.60 -12.10
C LYS A 74 1.58 23.17 -11.64
N ILE A 75 2.21 23.00 -10.49
CA ILE A 75 2.24 21.71 -9.83
C ILE A 75 1.81 21.91 -8.38
N GLN A 76 0.64 21.38 -8.05
CA GLN A 76 0.09 21.52 -6.71
C GLN A 76 0.12 20.18 -5.97
N LYS A 77 0.24 20.25 -4.66
CA LYS A 77 0.25 19.06 -3.83
C LYS A 77 -1.11 18.90 -3.15
N VAL A 78 -1.79 17.78 -3.44
CA VAL A 78 -3.15 17.56 -2.94
C VAL A 78 -3.15 17.08 -1.49
N CYS A 79 -3.68 17.91 -0.61
CA CYS A 79 -3.71 17.58 0.82
C CYS A 79 -5.13 17.32 1.31
N ASN A 80 -5.43 16.06 1.62
CA ASN A 80 -6.73 15.68 2.16
C ASN A 80 -6.56 14.68 3.29
N LYS A 81 -7.05 15.03 4.48
CA LYS A 81 -6.88 14.17 5.65
C LYS A 81 -7.56 12.81 5.47
N LYS A 82 -8.83 12.83 5.09
CA LYS A 82 -9.60 11.60 4.94
C LYS A 82 -9.03 10.69 3.85
N LEU A 83 -8.65 11.27 2.72
CA LEU A 83 -8.11 10.48 1.62
C LEU A 83 -6.75 9.90 1.99
N TRP A 84 -6.03 10.60 2.86
CA TRP A 84 -4.71 10.15 3.30
C TRP A 84 -4.81 9.02 4.32
N GLU A 85 -5.68 9.20 5.31
CA GLU A 85 -5.87 8.21 6.35
C GLU A 85 -6.76 7.05 5.86
N ARG A 86 -6.95 6.98 4.55
CA ARG A 86 -7.64 5.87 3.92
C ARG A 86 -6.62 5.16 3.03
N TYR A 87 -5.69 5.92 2.48
CA TYR A 87 -4.63 5.35 1.66
C TYR A 87 -3.63 4.60 2.53
N THR A 88 -3.23 5.22 3.64
CA THR A 88 -2.25 4.63 4.54
C THR A 88 -2.76 3.33 5.15
N HIS A 89 -4.05 3.29 5.48
CA HIS A 89 -4.64 2.09 6.05
C HIS A 89 -4.62 0.95 5.04
N ARG A 90 -4.94 1.26 3.79
CA ARG A 90 -4.90 0.26 2.73
C ARG A 90 -3.47 -0.19 2.46
N ARG A 91 -2.54 0.77 2.48
CA ARG A 91 -1.13 0.48 2.21
C ARG A 91 -0.56 -0.46 3.26
N LYS A 92 -0.84 -0.17 4.53
CA LYS A 92 -0.38 -1.01 5.63
C LYS A 92 -0.95 -2.42 5.48
N GLU A 93 -2.19 -2.50 5.02
CA GLU A 93 -2.86 -3.77 4.82
C GLU A 93 -2.20 -4.60 3.73
N VAL A 94 -1.99 -3.97 2.57
CA VAL A 94 -1.33 -4.63 1.45
C VAL A 94 0.08 -5.06 1.83
N SER A 95 0.75 -4.21 2.60
CA SER A 95 2.10 -4.49 3.07
C SER A 95 2.13 -5.79 3.89
N GLU A 96 1.18 -5.92 4.82
CA GLU A 96 1.12 -7.10 5.69
C GLU A 96 0.81 -8.38 4.92
N GLU A 97 0.12 -8.24 3.80
CA GLU A 97 -0.23 -9.39 2.96
C GLU A 97 0.86 -9.67 1.94
N ASN A 98 1.92 -8.86 1.96
CA ASN A 98 2.99 -8.98 0.99
C ASN A 98 4.39 -8.85 1.61
N HIS A 99 4.60 -9.56 2.72
CA HIS A 99 5.91 -9.61 3.39
C HIS A 99 6.50 -8.23 3.70
N ASN A 100 5.68 -7.36 4.28
CA ASN A 100 6.08 -5.99 4.60
C ASN A 100 6.56 -5.14 3.41
N HIS A 101 6.29 -5.61 2.21
CA HIS A 101 6.59 -4.84 1.00
C HIS A 101 5.30 -4.32 0.38
N ALA A 102 5.08 -3.02 0.50
CA ALA A 102 3.88 -2.40 -0.04
C ALA A 102 3.98 -2.22 -1.56
N ASN A 103 5.21 -2.22 -2.06
CA ASN A 103 5.50 -1.94 -3.47
C ASN A 103 4.88 -0.61 -3.92
N GLU A 104 5.23 0.45 -3.19
CA GLU A 104 4.71 1.77 -3.49
C GLU A 104 5.58 2.46 -4.53
N ARG A 105 4.96 3.10 -5.52
CA ARG A 105 5.70 3.88 -6.50
C ARG A 105 4.85 4.97 -7.14
N MET A 106 5.50 5.95 -7.74
CA MET A 106 4.82 7.06 -8.38
C MET A 106 4.41 6.75 -9.81
N LEU A 107 3.14 6.96 -10.12
CA LEU A 107 2.63 6.69 -11.46
C LEU A 107 1.70 7.80 -11.90
N PHE A 108 1.61 8.01 -13.21
CA PHE A 108 0.74 9.03 -13.76
C PHE A 108 -0.69 8.51 -13.90
N HIS A 109 -1.64 9.44 -13.93
CA HIS A 109 -3.04 9.08 -14.17
C HIS A 109 -3.77 10.20 -14.90
N GLY A 110 -4.60 9.81 -15.87
CA GLY A 110 -5.38 10.77 -16.63
C GLY A 110 -6.81 10.32 -16.83
N SER A 111 -7.75 11.19 -16.49
CA SER A 111 -9.16 10.92 -16.66
C SER A 111 -9.93 12.25 -16.62
N PRO A 112 -11.18 12.26 -17.10
CA PRO A 112 -11.99 13.48 -17.02
C PRO A 112 -12.49 13.79 -15.61
N PHE A 113 -12.12 12.97 -14.64
CA PHE A 113 -12.70 13.07 -13.31
C PHE A 113 -11.74 13.60 -12.26
N VAL A 114 -10.73 14.33 -12.71
CA VAL A 114 -9.69 14.88 -11.83
C VAL A 114 -10.25 15.66 -10.63
N ASN A 115 -11.25 16.49 -10.87
CA ASN A 115 -11.84 17.28 -9.80
C ASN A 115 -12.48 16.41 -8.72
N ALA A 116 -13.08 15.31 -9.13
CA ALA A 116 -13.70 14.38 -8.20
C ALA A 116 -12.66 13.53 -7.47
N ILE A 117 -11.63 13.12 -8.20
CA ILE A 117 -10.58 12.28 -7.63
C ILE A 117 -9.83 12.98 -6.50
N ILE A 118 -9.62 14.29 -6.62
CA ILE A 118 -8.90 15.02 -5.59
C ILE A 118 -9.79 15.50 -4.45
N HIS A 119 -11.10 15.31 -4.59
CA HIS A 119 -12.03 15.66 -3.52
C HIS A 119 -12.59 14.43 -2.79
N LYS A 120 -12.80 13.35 -3.54
CA LYS A 120 -13.44 12.16 -2.98
C LYS A 120 -12.52 10.93 -3.02
N GLY A 121 -11.44 11.02 -3.79
CA GLY A 121 -10.54 9.89 -3.96
C GLY A 121 -10.91 9.11 -5.21
N PHE A 122 -10.04 8.19 -5.62
CA PHE A 122 -10.34 7.32 -6.74
C PHE A 122 -11.52 6.43 -6.39
N ASP A 123 -12.36 6.13 -7.37
CA ASP A 123 -13.60 5.38 -7.11
C ASP A 123 -13.75 4.22 -8.08
N GLU A 124 -13.51 3.01 -7.61
CA GLU A 124 -13.58 1.82 -8.45
C GLU A 124 -14.96 1.65 -9.05
N ARG A 125 -16.00 2.09 -8.34
CA ARG A 125 -17.36 1.90 -8.81
C ARG A 125 -17.68 2.74 -10.05
N HIS A 126 -16.72 3.55 -10.48
CA HIS A 126 -16.81 4.28 -11.73
C HIS A 126 -15.79 3.74 -12.73
N ALA A 127 -15.53 2.44 -12.69
CA ALA A 127 -14.51 1.84 -13.54
C ALA A 127 -14.91 1.79 -15.01
N TYR A 128 -14.87 0.60 -15.61
CA TYR A 128 -15.11 0.49 -17.05
C TYR A 128 -15.50 -0.91 -17.50
N ILE A 129 -15.06 -1.92 -16.77
CA ILE A 129 -15.23 -3.35 -17.10
C ILE A 129 -14.90 -3.77 -18.55
N GLY A 130 -15.08 -2.88 -19.51
CA GLY A 130 -14.75 -3.16 -20.89
C GLY A 130 -13.33 -2.76 -21.27
N GLY A 131 -12.49 -2.56 -20.26
CA GLY A 131 -11.09 -2.24 -20.48
C GLY A 131 -10.26 -3.48 -20.74
N MET A 132 -8.95 -3.29 -20.92
CA MET A 132 -8.06 -4.41 -21.22
C MET A 132 -7.87 -5.34 -20.01
N PHE A 133 -7.83 -4.74 -18.82
CA PHE A 133 -7.67 -5.52 -17.60
C PHE A 133 -8.87 -5.36 -16.68
N GLY A 134 -10.02 -5.03 -17.28
CA GLY A 134 -11.27 -5.01 -16.56
C GLY A 134 -11.55 -3.75 -15.77
N ALA A 135 -12.36 -3.90 -14.72
CA ALA A 135 -12.87 -2.78 -13.96
C ALA A 135 -11.89 -2.25 -12.93
N GLY A 136 -10.77 -1.73 -13.39
CA GLY A 136 -9.77 -1.18 -12.50
C GLY A 136 -9.43 0.25 -12.83
N ILE A 137 -8.64 0.87 -11.98
CA ILE A 137 -8.18 2.24 -12.21
C ILE A 137 -6.77 2.19 -12.78
N TYR A 138 -6.59 2.80 -13.95
CA TYR A 138 -5.37 2.60 -14.73
C TYR A 138 -4.33 3.69 -14.50
N PHE A 139 -3.07 3.27 -14.39
CA PHE A 139 -1.96 4.20 -14.21
C PHE A 139 -0.86 3.90 -15.22
N ALA A 140 0.04 4.86 -15.44
CA ALA A 140 1.10 4.67 -16.42
C ALA A 140 2.46 5.21 -15.97
N GLU A 141 3.52 4.54 -16.43
CA GLU A 141 4.89 5.00 -16.26
C GLU A 141 5.09 6.28 -17.04
N ASN A 142 4.50 6.32 -18.23
CA ASN A 142 4.74 7.40 -19.18
C ASN A 142 3.64 8.46 -19.13
N SER A 143 4.03 9.70 -18.89
CA SER A 143 3.09 10.81 -18.77
C SER A 143 2.26 11.00 -20.04
N SER A 144 2.87 10.74 -21.19
CA SER A 144 2.19 10.93 -22.47
C SER A 144 1.12 9.87 -22.71
N LYS A 145 1.19 8.76 -21.98
CA LYS A 145 0.18 7.72 -22.08
C LYS A 145 -1.09 8.11 -21.33
N SER A 146 -0.93 8.57 -20.10
CA SER A 146 -2.05 9.04 -19.30
C SER A 146 -2.71 10.25 -19.96
N ASN A 147 -1.93 10.96 -20.77
CA ASN A 147 -2.40 12.13 -21.50
C ASN A 147 -3.48 11.80 -22.52
N GLN A 148 -3.50 10.55 -22.97
CA GLN A 148 -4.46 10.10 -23.97
C GLN A 148 -5.84 9.89 -23.38
N TYR A 149 -5.96 10.07 -22.07
CA TYR A 149 -7.21 9.77 -21.38
C TYR A 149 -7.73 10.99 -20.61
N VAL A 150 -7.08 12.13 -20.81
CA VAL A 150 -7.46 13.36 -20.12
C VAL A 150 -8.88 13.80 -20.50
N TYR A 151 -9.19 13.69 -21.79
CA TYR A 151 -10.49 14.09 -22.30
C TYR A 151 -11.39 12.88 -22.56
N GLY A 152 -11.07 11.76 -21.91
CA GLY A 152 -11.88 10.56 -22.02
C GLY A 152 -11.16 9.38 -22.66
N ILE A 153 -11.84 8.24 -22.72
CA ILE A 153 -11.30 7.04 -23.33
C ILE A 153 -10.97 7.26 -24.80
N GLY A 154 -9.71 7.01 -25.17
CA GLY A 154 -9.27 7.17 -26.55
C GLY A 154 -9.30 8.62 -26.99
N GLY A 155 -9.20 9.52 -26.02
CA GLY A 155 -9.17 10.95 -26.30
C GLY A 155 -10.55 11.59 -26.30
N GLY A 156 -11.58 10.78 -26.50
CA GLY A 156 -12.93 11.27 -26.55
C GLY A 156 -13.14 12.21 -27.73
N THR A 157 -13.92 13.27 -27.50
CA THR A 157 -14.20 14.25 -28.55
C THR A 157 -13.16 15.36 -28.57
N GLY A 158 -12.19 15.28 -27.66
CA GLY A 158 -11.15 16.30 -27.55
C GLY A 158 -11.49 17.31 -26.47
N CYS A 159 -10.84 18.48 -26.52
CA CYS A 159 -11.11 19.54 -25.57
C CYS A 159 -12.56 20.02 -25.72
N PRO A 160 -13.18 20.41 -24.60
CA PRO A 160 -14.59 20.82 -24.58
C PRO A 160 -14.89 22.04 -25.45
N VAL A 161 -13.90 22.88 -25.69
CA VAL A 161 -14.11 24.14 -26.39
C VAL A 161 -13.93 24.05 -27.91
N HIS A 162 -12.92 23.30 -28.36
CA HIS A 162 -12.61 23.24 -29.79
C HIS A 162 -12.84 21.86 -30.41
N LYS A 163 -13.18 20.88 -29.57
CA LYS A 163 -13.36 19.50 -30.01
C LYS A 163 -12.08 18.95 -30.65
N ASP A 164 -10.94 19.32 -30.08
CA ASP A 164 -9.64 18.95 -30.64
C ASP A 164 -8.85 18.11 -29.66
N ARG A 165 -8.54 16.87 -30.03
CA ARG A 165 -7.75 15.99 -29.19
C ARG A 165 -6.29 16.46 -29.12
N SER A 166 -5.88 17.26 -30.10
CA SER A 166 -4.51 17.74 -30.17
C SER A 166 -4.45 19.25 -29.95
N CYS A 167 -5.26 19.75 -29.01
CA CYS A 167 -5.35 21.18 -28.78
C CYS A 167 -4.19 21.72 -27.96
N TYR A 168 -3.64 22.84 -28.40
CA TYR A 168 -2.51 23.47 -27.73
C TYR A 168 -2.96 24.69 -26.93
N ILE A 169 -4.25 24.99 -26.99
CA ILE A 169 -4.80 26.19 -26.35
C ILE A 169 -5.35 25.92 -24.95
N CYS A 170 -6.27 24.96 -24.84
CA CYS A 170 -6.90 24.66 -23.57
C CYS A 170 -5.94 23.99 -22.58
N HIS A 171 -6.08 24.35 -21.30
CA HIS A 171 -5.24 23.77 -20.25
C HIS A 171 -5.72 22.38 -19.85
N ARG A 172 -4.78 21.48 -19.59
CA ARG A 172 -5.10 20.11 -19.19
C ARG A 172 -4.59 19.84 -17.77
N GLN A 173 -5.08 18.76 -17.18
CA GLN A 173 -4.62 18.35 -15.85
C GLN A 173 -4.31 16.85 -15.79
N LEU A 174 -3.15 16.52 -15.25
CA LEU A 174 -2.80 15.13 -14.95
C LEU A 174 -2.62 14.95 -13.46
N LEU A 175 -2.46 13.70 -13.05
CA LEU A 175 -2.19 13.39 -11.65
C LEU A 175 -0.95 12.51 -11.54
N PHE A 176 -0.01 12.92 -10.68
CA PHE A 176 1.14 12.08 -10.38
C PHE A 176 0.91 11.46 -9.02
N CYS A 177 0.66 10.14 -9.01
CA CYS A 177 0.08 9.50 -7.84
C CYS A 177 0.98 8.51 -7.12
N ARG A 178 0.85 8.49 -5.80
CA ARG A 178 1.38 7.40 -4.98
C ARG A 178 0.52 6.17 -5.21
N VAL A 179 1.09 5.12 -5.80
CA VAL A 179 0.34 3.90 -6.05
C VAL A 179 0.91 2.72 -5.26
N THR A 180 0.07 2.09 -4.45
CA THR A 180 0.44 0.85 -3.78
C THR A 180 0.14 -0.31 -4.71
N LEU A 181 1.18 -0.99 -5.19
CA LEU A 181 1.01 -2.08 -6.14
C LEU A 181 0.94 -3.45 -5.48
N GLY A 182 1.55 -3.57 -4.30
CA GLY A 182 1.62 -4.84 -3.61
C GLY A 182 2.27 -5.92 -4.46
N LYS A 183 1.78 -7.14 -4.35
CA LYS A 183 2.25 -8.20 -5.23
C LYS A 183 1.48 -8.12 -6.54
N SER A 184 2.10 -7.53 -7.55
CA SER A 184 1.42 -7.27 -8.82
C SER A 184 1.45 -8.50 -9.72
N PHE A 185 0.32 -8.77 -10.37
CA PHE A 185 0.20 -9.88 -11.31
C PHE A 185 0.65 -9.43 -12.69
N LEU A 186 1.71 -10.03 -13.20
CA LEU A 186 2.27 -9.65 -14.50
C LEU A 186 1.55 -10.34 -15.64
N GLN A 187 0.94 -9.54 -16.52
CA GLN A 187 0.16 -10.07 -17.63
C GLN A 187 0.60 -9.43 -18.94
N PHE A 188 0.54 -10.20 -20.02
CA PHE A 188 0.85 -9.69 -21.35
C PHE A 188 -0.41 -9.48 -22.16
N SER A 189 -1.29 -10.49 -22.14
CA SER A 189 -2.51 -10.46 -22.94
C SER A 189 -3.69 -9.85 -22.18
N ALA A 190 -4.83 -9.73 -22.84
CA ALA A 190 -6.03 -9.19 -22.22
C ALA A 190 -6.56 -10.14 -21.15
N MET A 191 -6.93 -9.57 -20.00
CA MET A 191 -7.38 -10.35 -18.86
C MET A 191 -8.36 -9.53 -18.05
N LYS A 192 -9.63 -9.53 -18.47
CA LYS A 192 -10.62 -8.66 -17.88
C LYS A 192 -11.03 -9.07 -16.47
N MET A 193 -10.41 -8.42 -15.48
CA MET A 193 -10.66 -8.73 -14.07
C MET A 193 -11.71 -7.81 -13.47
N ALA A 194 -12.40 -8.29 -12.45
CA ALA A 194 -13.31 -7.47 -11.68
C ALA A 194 -12.60 -7.04 -10.40
N HIS A 195 -11.68 -7.90 -9.95
CA HIS A 195 -10.87 -7.61 -8.80
C HIS A 195 -9.43 -8.00 -9.10
N SER A 196 -8.51 -7.69 -8.18
CA SER A 196 -7.14 -8.14 -8.31
C SER A 196 -7.09 -9.67 -8.18
N PRO A 197 -6.36 -10.34 -9.08
CA PRO A 197 -6.25 -11.81 -9.08
C PRO A 197 -5.85 -12.35 -7.70
N PRO A 198 -6.30 -13.56 -7.36
CA PRO A 198 -6.04 -14.16 -6.05
C PRO A 198 -4.57 -14.11 -5.66
N GLY A 199 -4.29 -13.67 -4.44
CA GLY A 199 -2.93 -13.59 -3.94
C GLY A 199 -2.22 -12.32 -4.34
N HIS A 200 -2.87 -11.51 -5.17
CA HIS A 200 -2.26 -10.30 -5.71
C HIS A 200 -3.08 -9.05 -5.37
N HIS A 201 -2.50 -7.88 -5.63
CA HIS A 201 -3.15 -6.63 -5.25
C HIS A 201 -3.25 -5.63 -6.41
N SER A 202 -2.63 -5.98 -7.53
CA SER A 202 -2.70 -5.15 -8.72
C SER A 202 -2.32 -5.97 -9.95
N VAL A 203 -2.53 -5.39 -11.12
CA VAL A 203 -2.13 -6.02 -12.37
C VAL A 203 -1.16 -5.11 -13.12
N THR A 204 -0.09 -5.69 -13.64
CA THR A 204 0.86 -4.93 -14.44
C THR A 204 0.79 -5.36 -15.91
N GLY A 205 0.44 -4.43 -16.77
CA GLY A 205 0.44 -4.69 -18.20
C GLY A 205 1.83 -4.51 -18.76
N ARG A 206 2.37 -5.58 -19.35
CA ARG A 206 3.75 -5.57 -19.83
C ARG A 206 3.83 -5.31 -21.34
N PRO A 207 4.86 -4.56 -21.77
CA PRO A 207 5.11 -4.30 -23.18
C PRO A 207 5.51 -5.58 -23.92
N SER A 208 5.03 -5.75 -25.14
CA SER A 208 5.38 -6.91 -25.96
C SER A 208 5.02 -6.65 -27.41
N VAL A 209 5.76 -7.28 -28.32
CA VAL A 209 5.43 -7.20 -29.74
C VAL A 209 4.06 -7.85 -29.96
N ASN A 210 3.30 -7.33 -30.90
CA ASN A 210 1.93 -7.77 -31.15
C ASN A 210 1.02 -7.62 -29.92
N GLY A 211 1.39 -6.67 -29.04
CA GLY A 211 0.62 -6.39 -27.85
C GLY A 211 0.77 -4.94 -27.44
N LEU A 212 0.95 -4.70 -26.14
CA LEU A 212 1.12 -3.34 -25.63
C LEU A 212 2.50 -2.79 -25.97
N ALA A 213 2.55 -1.50 -26.30
CA ALA A 213 3.81 -0.83 -26.60
C ALA A 213 4.42 -0.27 -25.34
N LEU A 214 3.58 0.23 -24.45
CA LEU A 214 4.03 0.81 -23.19
C LEU A 214 3.30 0.18 -22.02
N ALA A 215 3.98 0.08 -20.88
CA ALA A 215 3.43 -0.56 -19.69
C ALA A 215 2.21 0.17 -19.14
N GLU A 216 1.53 -0.48 -18.20
CA GLU A 216 0.42 0.13 -17.49
C GLU A 216 0.12 -0.66 -16.22
N TYR A 217 -0.46 0.02 -15.23
CA TYR A 217 -0.67 -0.58 -13.92
C TYR A 217 -2.10 -0.37 -13.45
N VAL A 218 -2.75 -1.49 -13.10
CA VAL A 218 -4.15 -1.47 -12.76
C VAL A 218 -4.40 -1.91 -11.32
N ILE A 219 -5.02 -1.03 -10.53
CA ILE A 219 -5.48 -1.41 -9.20
C ILE A 219 -7.01 -1.48 -9.20
N TYR A 220 -7.58 -2.14 -8.20
CA TYR A 220 -9.02 -2.36 -8.17
C TYR A 220 -9.64 -1.86 -6.87
N ARG A 221 -8.91 -0.98 -6.19
CA ARG A 221 -9.38 -0.33 -4.98
C ARG A 221 -8.89 1.11 -4.98
N GLY A 222 -9.82 2.06 -4.99
CA GLY A 222 -9.47 3.47 -5.08
C GLY A 222 -8.65 3.97 -3.91
N GLU A 223 -8.71 3.23 -2.81
CA GLU A 223 -7.97 3.58 -1.61
C GLU A 223 -6.49 3.19 -1.76
N GLN A 224 -6.18 2.48 -2.83
CA GLN A 224 -4.82 1.96 -3.04
C GLN A 224 -3.98 2.94 -3.86
N ALA A 225 -4.49 4.15 -4.04
CA ALA A 225 -3.75 5.20 -4.73
C ALA A 225 -4.05 6.56 -4.14
N TYR A 226 -3.03 7.41 -4.05
CA TYR A 226 -3.22 8.77 -3.58
C TYR A 226 -2.78 9.76 -4.66
N PRO A 227 -3.68 10.69 -5.00
CA PRO A 227 -3.38 11.70 -6.03
C PRO A 227 -2.51 12.81 -5.46
N GLU A 228 -1.24 12.50 -5.19
CA GLU A 228 -0.35 13.46 -4.53
C GLU A 228 -0.16 14.75 -5.31
N TYR A 229 0.23 14.65 -6.57
CA TYR A 229 0.55 15.82 -7.37
C TYR A 229 -0.48 16.09 -8.46
N LEU A 230 -1.00 17.31 -8.46
CA LEU A 230 -1.90 17.79 -9.49
C LEU A 230 -1.13 18.68 -10.46
N ILE A 231 -1.01 18.22 -11.70
CA ILE A 231 -0.21 18.93 -12.70
C ILE A 231 -1.07 19.63 -13.74
N THR A 232 -1.04 20.96 -13.73
CA THR A 232 -1.73 21.75 -14.75
C THR A 232 -0.75 22.10 -15.87
N TYR A 233 -1.06 21.63 -17.07
CA TYR A 233 -0.14 21.78 -18.19
C TYR A 233 -0.90 21.98 -19.50
N GLN A 234 -0.16 21.97 -20.60
CA GLN A 234 -0.73 21.95 -21.94
C GLN A 234 0.32 21.39 -22.88
N ILE A 235 -0.11 20.61 -23.86
CA ILE A 235 0.84 20.05 -24.82
C ILE A 235 1.37 21.15 -25.73
N MET A 236 2.61 21.00 -26.17
CA MET A 236 3.26 22.02 -26.98
C MET A 236 3.48 21.61 -28.42
N ARG A 237 3.17 22.53 -29.32
CA ARG A 237 3.37 22.33 -30.75
C ARG A 237 4.85 22.20 -31.07
N PRO A 238 5.22 21.18 -31.84
CA PRO A 238 6.60 20.98 -32.29
C PRO A 238 6.95 21.90 -33.46
N GLU A 239 8.24 22.13 -33.69
CA GLU A 239 8.67 22.94 -34.82
C GLU A 239 9.56 22.19 -35.81
N GLY A 240 8.95 21.60 -36.84
CA GLY A 240 7.51 21.65 -37.02
C GLY A 240 7.00 20.49 -37.85
N GLY B 14 -34.72 -10.05 21.68
CA GLY B 14 -35.28 -9.10 20.74
C GLY B 14 -34.75 -7.69 20.93
N THR B 15 -34.65 -7.26 22.18
CA THR B 15 -34.11 -5.95 22.50
C THR B 15 -32.70 -6.07 23.07
N GLU B 16 -32.21 -7.29 23.18
CA GLU B 16 -30.87 -7.54 23.70
C GLU B 16 -29.82 -7.50 22.59
N ASN B 17 -28.64 -6.99 22.91
CA ASN B 17 -27.53 -6.99 21.97
C ASN B 17 -26.80 -8.32 22.02
N LEU B 18 -27.18 -9.23 21.12
CA LEU B 18 -26.59 -10.55 21.06
C LEU B 18 -25.73 -10.67 19.81
N TYR B 19 -26.21 -10.09 18.71
CA TYR B 19 -25.55 -10.21 17.42
C TYR B 19 -24.45 -9.17 17.21
N PHE B 20 -24.51 -8.07 17.96
CA PHE B 20 -23.65 -6.93 17.65
C PHE B 20 -22.82 -6.43 18.83
N GLN B 21 -22.25 -7.35 19.60
CA GLN B 21 -21.37 -7.00 20.71
C GLN B 21 -19.98 -6.68 20.17
N SER B 22 -19.26 -5.81 20.86
CA SER B 22 -17.90 -5.47 20.46
C SER B 22 -16.94 -6.62 20.81
N MET B 23 -16.30 -7.17 19.77
CA MET B 23 -15.39 -8.29 19.94
C MET B 23 -14.11 -7.85 20.67
N LEU B 24 -13.97 -8.29 21.93
CA LEU B 24 -12.82 -7.90 22.73
C LEU B 24 -11.54 -8.59 22.28
N ASN B 25 -10.44 -7.86 22.37
CA ASN B 25 -9.14 -8.28 21.83
C ASN B 25 -8.73 -9.71 22.13
N THR B 26 -8.92 -10.58 21.13
CA THR B 26 -8.55 -11.98 21.22
C THR B 26 -7.03 -12.10 21.38
N SER B 27 -6.60 -13.03 22.23
CA SER B 27 -5.18 -13.26 22.46
C SER B 27 -4.77 -14.68 22.10
N GLY B 28 -4.49 -14.93 20.83
CA GLY B 28 -4.59 -13.91 19.79
C GLY B 28 -3.50 -13.99 18.74
N SER B 29 -3.63 -14.96 17.83
CA SER B 29 -2.66 -15.10 16.75
C SER B 29 -3.18 -14.71 15.34
N GLY B 30 -4.28 -15.30 14.84
CA GLY B 30 -5.03 -16.37 15.49
C GLY B 30 -6.54 -16.27 15.36
N THR B 31 -7.15 -17.30 14.78
CA THR B 31 -8.60 -17.44 14.80
C THR B 31 -9.02 -18.43 15.90
N ILE B 32 -9.76 -17.93 16.88
CA ILE B 32 -10.20 -18.75 18.00
C ILE B 32 -11.70 -19.00 17.94
N LEU B 33 -12.10 -20.26 18.02
CA LEU B 33 -13.51 -20.62 18.01
C LEU B 33 -14.02 -20.83 19.43
N ILE B 34 -15.12 -20.16 19.76
CA ILE B 34 -15.74 -20.31 21.07
C ILE B 34 -16.99 -21.16 20.96
N ASP B 35 -16.99 -22.29 21.66
CA ASP B 35 -18.16 -23.16 21.69
C ASP B 35 -19.27 -22.53 22.51
N LEU B 36 -20.45 -22.43 21.90
CA LEU B 36 -21.60 -21.87 22.61
C LEU B 36 -22.46 -22.97 23.21
N SER B 37 -22.77 -22.82 24.48
CA SER B 37 -23.67 -23.74 25.16
C SER B 37 -25.08 -23.59 24.60
N PRO B 38 -25.78 -24.71 24.41
CA PRO B 38 -27.17 -24.68 23.93
C PRO B 38 -28.08 -23.88 24.86
N ASP B 39 -27.64 -23.65 26.09
CA ASP B 39 -28.40 -22.86 27.05
C ASP B 39 -28.23 -21.36 26.83
N ASP B 40 -27.12 -20.98 26.18
CA ASP B 40 -26.84 -19.58 25.88
C ASP B 40 -27.90 -19.02 24.93
N LYS B 41 -28.37 -17.81 25.21
CA LYS B 41 -29.42 -17.19 24.40
C LYS B 41 -28.88 -16.73 23.05
N GLU B 42 -27.56 -16.61 22.95
CA GLU B 42 -26.93 -16.27 21.68
C GLU B 42 -27.03 -17.47 20.75
N PHE B 43 -26.75 -18.65 21.31
CA PHE B 43 -26.91 -19.92 20.62
C PHE B 43 -28.36 -20.08 20.18
N GLN B 44 -29.28 -19.92 21.13
CA GLN B 44 -30.70 -20.12 20.88
C GLN B 44 -31.28 -19.18 19.83
N SER B 45 -30.76 -17.96 19.77
CA SER B 45 -31.22 -17.00 18.76
C SER B 45 -30.75 -17.40 17.37
N VAL B 46 -29.48 -17.75 17.25
CA VAL B 46 -28.92 -18.22 15.98
C VAL B 46 -29.62 -19.50 15.54
N GLU B 47 -29.82 -20.41 16.49
CA GLU B 47 -30.55 -21.65 16.24
C GLU B 47 -31.94 -21.35 15.69
N GLU B 48 -32.69 -20.52 16.41
CA GLU B 48 -34.03 -20.13 16.00
C GLU B 48 -34.04 -19.49 14.61
N GLU B 49 -33.10 -18.59 14.36
CA GLU B 49 -33.02 -17.92 13.07
C GLU B 49 -32.75 -18.91 11.96
N MET B 50 -31.88 -19.88 12.25
CA MET B 50 -31.53 -20.93 11.30
C MET B 50 -32.75 -21.75 10.88
N GLN B 51 -33.57 -22.13 11.86
CA GLN B 51 -34.73 -22.99 11.61
C GLN B 51 -35.92 -22.25 11.00
N SER B 52 -36.18 -21.04 11.50
CA SER B 52 -37.40 -20.32 11.13
C SER B 52 -37.34 -19.66 9.76
N THR B 53 -36.17 -19.63 9.13
CA THR B 53 -36.02 -18.97 7.84
C THR B 53 -35.95 -19.96 6.68
N VAL B 54 -36.33 -21.20 6.93
CA VAL B 54 -36.38 -22.20 5.88
C VAL B 54 -37.62 -21.99 4.99
N ARG B 55 -37.42 -22.06 3.68
CA ARG B 55 -38.53 -21.94 2.74
C ARG B 55 -38.55 -23.11 1.76
N GLU B 56 -39.70 -23.36 1.15
CA GLU B 56 -39.80 -24.37 0.10
C GLU B 56 -39.21 -23.81 -1.20
N HIS B 57 -38.19 -24.47 -1.72
CA HIS B 57 -37.45 -23.97 -2.88
C HIS B 57 -38.00 -24.47 -4.21
N ARG B 58 -38.05 -23.57 -5.19
CA ARG B 58 -38.67 -23.83 -6.49
C ARG B 58 -37.99 -24.94 -7.30
N ASP B 59 -36.73 -25.22 -6.99
CA ASP B 59 -35.99 -26.27 -7.69
C ASP B 59 -36.37 -27.66 -7.18
N GLY B 60 -37.21 -27.69 -6.14
CA GLY B 60 -37.64 -28.94 -5.55
C GLY B 60 -36.57 -29.57 -4.68
N GLY B 61 -35.74 -28.72 -4.08
CA GLY B 61 -34.65 -29.18 -3.24
C GLY B 61 -33.56 -29.86 -4.06
N HIS B 62 -33.45 -29.47 -5.31
CA HIS B 62 -32.46 -30.05 -6.22
C HIS B 62 -31.05 -29.60 -5.85
N ALA B 63 -30.94 -28.44 -5.23
CA ALA B 63 -29.64 -27.85 -4.93
C ALA B 63 -29.16 -28.19 -3.52
N GLY B 64 -29.94 -27.81 -2.52
CA GLY B 64 -29.55 -27.97 -1.14
C GLY B 64 -30.14 -29.17 -0.45
N GLY B 65 -31.08 -29.84 -1.12
CA GLY B 65 -31.72 -31.01 -0.55
C GLY B 65 -33.16 -30.76 -0.15
N ILE B 66 -33.85 -31.83 0.23
CA ILE B 66 -35.24 -31.74 0.66
C ILE B 66 -35.35 -31.84 2.18
N PHE B 67 -35.87 -30.81 2.82
CA PHE B 67 -35.96 -30.76 4.27
C PHE B 67 -36.89 -29.65 4.75
N ASN B 68 -37.25 -29.69 6.03
CA ASN B 68 -38.08 -28.65 6.64
C ASN B 68 -37.34 -27.97 7.79
N ARG B 69 -36.49 -28.74 8.45
CA ARG B 69 -35.71 -28.24 9.57
C ARG B 69 -34.29 -28.78 9.47
N TYR B 70 -33.45 -28.40 10.43
CA TYR B 70 -32.10 -28.94 10.51
C TYR B 70 -31.89 -29.63 11.85
N ASN B 71 -30.79 -30.36 11.95
CA ASN B 71 -30.29 -30.83 13.23
C ASN B 71 -29.06 -29.98 13.57
N ILE B 72 -29.26 -29.00 14.45
CA ILE B 72 -28.18 -28.10 14.83
C ILE B 72 -27.24 -28.81 15.80
N LEU B 73 -26.02 -29.08 15.35
CA LEU B 73 -25.06 -29.85 16.13
C LEU B 73 -24.16 -28.98 16.98
N LYS B 74 -23.78 -27.83 16.44
CA LYS B 74 -22.79 -26.98 17.08
C LYS B 74 -22.84 -25.57 16.51
N ILE B 75 -22.77 -24.58 17.39
CA ILE B 75 -22.68 -23.19 16.97
C ILE B 75 -21.48 -22.52 17.63
N GLN B 76 -20.48 -22.19 16.82
CA GLN B 76 -19.25 -21.60 17.32
C GLN B 76 -19.13 -20.14 16.92
N LYS B 77 -18.70 -19.31 17.85
CA LYS B 77 -18.51 -17.88 17.59
C LYS B 77 -17.07 -17.61 17.13
N VAL B 78 -16.93 -17.12 15.90
CA VAL B 78 -15.60 -16.89 15.33
C VAL B 78 -14.94 -15.63 15.87
N CYS B 79 -13.82 -15.81 16.56
CA CYS B 79 -13.09 -14.68 17.13
C CYS B 79 -11.71 -14.51 16.49
N ASN B 80 -11.57 -13.46 15.70
CA ASN B 80 -10.30 -13.10 15.08
C ASN B 80 -10.03 -11.61 15.24
N LYS B 81 -8.77 -11.24 15.45
CA LYS B 81 -8.42 -9.85 15.73
C LYS B 81 -8.24 -9.04 14.44
N LYS B 82 -7.47 -9.57 13.50
CA LYS B 82 -7.24 -8.91 12.21
C LYS B 82 -8.53 -8.77 11.42
N LEU B 83 -9.31 -9.83 11.37
CA LEU B 83 -10.58 -9.81 10.65
C LEU B 83 -11.54 -8.80 11.25
N TRP B 84 -11.58 -8.75 12.58
CA TRP B 84 -12.47 -7.85 13.29
C TRP B 84 -12.18 -6.39 12.97
N GLU B 85 -10.92 -6.01 13.07
CA GLU B 85 -10.50 -4.62 12.85
C GLU B 85 -10.63 -4.22 11.38
N ARG B 86 -10.39 -5.17 10.48
CA ARG B 86 -10.62 -4.94 9.06
C ARG B 86 -12.09 -4.66 8.79
N TYR B 87 -12.96 -5.32 9.55
CA TYR B 87 -14.41 -5.15 9.37
C TYR B 87 -14.90 -3.83 9.93
N THR B 88 -14.54 -3.53 11.17
CA THR B 88 -15.00 -2.31 11.81
C THR B 88 -14.52 -1.05 11.11
N HIS B 89 -13.34 -1.12 10.49
CA HIS B 89 -12.78 0.02 9.77
C HIS B 89 -13.55 0.27 8.48
N ARG B 90 -13.97 -0.79 7.82
CA ARG B 90 -14.79 -0.66 6.63
C ARG B 90 -16.21 -0.23 7.03
N ARG B 91 -16.69 -0.77 8.15
CA ARG B 91 -18.01 -0.43 8.65
C ARG B 91 -18.16 1.04 8.98
N LYS B 92 -17.09 1.64 9.50
CA LYS B 92 -17.09 3.05 9.85
C LYS B 92 -16.99 3.91 8.60
N GLU B 93 -16.20 3.44 7.63
CA GLU B 93 -16.02 4.15 6.37
C GLU B 93 -17.35 4.24 5.64
N VAL B 94 -18.02 3.09 5.50
CA VAL B 94 -19.32 3.01 4.84
C VAL B 94 -20.35 3.86 5.56
N SER B 95 -20.37 3.75 6.88
CA SER B 95 -21.28 4.53 7.72
C SER B 95 -21.17 6.03 7.42
N GLU B 96 -19.94 6.52 7.31
CA GLU B 96 -19.70 7.94 7.06
C GLU B 96 -20.09 8.35 5.64
N GLU B 97 -20.04 7.41 4.71
CA GLU B 97 -20.45 7.68 3.33
C GLU B 97 -21.96 7.56 3.18
N ASN B 98 -22.62 7.14 4.25
CA ASN B 98 -24.05 6.90 4.22
C ASN B 98 -24.74 7.48 5.45
N HIS B 99 -24.64 8.80 5.58
CA HIS B 99 -25.25 9.58 6.68
C HIS B 99 -25.28 8.90 8.05
N ASN B 100 -24.11 8.44 8.49
CA ASN B 100 -23.94 7.77 9.78
C ASN B 100 -24.75 6.49 9.95
N HIS B 101 -25.19 5.92 8.83
CA HIS B 101 -25.92 4.66 8.86
C HIS B 101 -25.11 3.54 8.22
N ALA B 102 -24.57 2.67 9.06
CA ALA B 102 -23.80 1.53 8.59
C ALA B 102 -24.70 0.55 7.87
N ASN B 103 -25.95 0.45 8.33
CA ASN B 103 -26.93 -0.52 7.82
C ASN B 103 -26.41 -1.95 8.00
N GLU B 104 -26.26 -2.34 9.24
CA GLU B 104 -25.66 -3.62 9.60
C GLU B 104 -26.71 -4.65 9.98
N ARG B 105 -26.68 -5.82 9.35
CA ARG B 105 -27.62 -6.88 9.67
C ARG B 105 -26.99 -8.26 9.54
N MET B 106 -27.53 -9.21 10.29
CA MET B 106 -27.05 -10.59 10.23
C MET B 106 -27.60 -11.31 9.01
N LEU B 107 -26.73 -11.99 8.28
CA LEU B 107 -27.12 -12.73 7.09
C LEU B 107 -26.39 -14.07 7.03
N PHE B 108 -27.02 -15.05 6.39
CA PHE B 108 -26.41 -16.37 6.22
C PHE B 108 -25.49 -16.38 5.02
N HIS B 109 -24.41 -17.14 5.11
CA HIS B 109 -23.54 -17.36 3.96
C HIS B 109 -23.22 -18.84 3.77
N GLY B 110 -23.28 -19.29 2.52
CA GLY B 110 -22.92 -20.65 2.19
C GLY B 110 -21.93 -20.71 1.05
N SER B 111 -20.88 -21.49 1.24
CA SER B 111 -19.84 -21.70 0.22
C SER B 111 -18.96 -22.87 0.65
N PRO B 112 -18.20 -23.43 -0.31
CA PRO B 112 -17.24 -24.49 0.04
C PRO B 112 -15.93 -23.94 0.59
N PHE B 113 -15.93 -22.72 1.12
CA PHE B 113 -14.70 -22.08 1.54
C PHE B 113 -14.76 -21.60 2.99
N VAL B 114 -15.56 -22.26 3.81
CA VAL B 114 -15.75 -21.85 5.20
C VAL B 114 -14.42 -21.76 5.97
N ASN B 115 -13.57 -22.77 5.81
CA ASN B 115 -12.28 -22.79 6.50
C ASN B 115 -11.42 -21.59 6.12
N ALA B 116 -11.35 -21.30 4.82
CA ALA B 116 -10.61 -20.15 4.34
C ALA B 116 -11.17 -18.85 4.91
N ILE B 117 -12.50 -18.73 4.92
CA ILE B 117 -13.14 -17.50 5.36
C ILE B 117 -12.92 -17.21 6.85
N ILE B 118 -13.10 -18.20 7.70
CA ILE B 118 -12.97 -17.96 9.13
C ILE B 118 -11.52 -17.72 9.57
N HIS B 119 -10.58 -18.00 8.69
CA HIS B 119 -9.16 -17.78 9.00
C HIS B 119 -8.58 -16.53 8.31
N LYS B 120 -9.11 -16.18 7.15
CA LYS B 120 -8.57 -15.06 6.37
C LYS B 120 -9.61 -14.06 5.88
N GLY B 121 -10.86 -14.25 6.28
CA GLY B 121 -11.94 -13.35 5.88
C GLY B 121 -12.48 -13.66 4.50
N PHE B 122 -13.58 -12.99 4.14
CA PHE B 122 -14.15 -13.12 2.80
C PHE B 122 -13.22 -12.47 1.78
N ASP B 123 -13.10 -13.09 0.60
CA ASP B 123 -12.15 -12.63 -0.39
C ASP B 123 -12.79 -12.44 -1.77
N GLU B 124 -12.93 -11.19 -2.20
CA GLU B 124 -13.57 -10.89 -3.48
C GLU B 124 -12.83 -11.48 -4.66
N ARG B 125 -11.52 -11.67 -4.51
CA ARG B 125 -10.69 -12.14 -5.62
C ARG B 125 -11.10 -13.54 -6.08
N HIS B 126 -11.84 -14.25 -5.24
CA HIS B 126 -12.36 -15.57 -5.60
C HIS B 126 -13.85 -15.53 -5.88
N ALA B 127 -14.31 -14.43 -6.48
CA ALA B 127 -15.74 -14.22 -6.69
C ALA B 127 -16.35 -15.21 -7.69
N TYR B 128 -16.73 -14.72 -8.86
CA TYR B 128 -17.35 -15.59 -9.86
C TYR B 128 -17.52 -14.89 -11.20
N ILE B 129 -17.57 -13.55 -11.17
CA ILE B 129 -17.89 -12.72 -12.35
C ILE B 129 -19.12 -13.14 -13.18
N GLY B 130 -19.36 -14.44 -13.27
CA GLY B 130 -20.51 -14.95 -14.00
C GLY B 130 -21.69 -15.28 -13.10
N GLY B 131 -21.87 -14.51 -12.04
CA GLY B 131 -23.02 -14.66 -11.16
C GLY B 131 -24.16 -13.79 -11.64
N MET B 132 -25.23 -13.71 -10.85
CA MET B 132 -26.38 -12.89 -11.22
C MET B 132 -26.12 -11.40 -11.00
N PHE B 133 -25.45 -11.07 -9.91
CA PHE B 133 -25.11 -9.68 -9.61
C PHE B 133 -23.61 -9.46 -9.68
N GLY B 134 -22.95 -10.28 -10.48
CA GLY B 134 -21.53 -10.10 -10.74
C GLY B 134 -20.59 -10.64 -9.68
N ALA B 135 -19.34 -10.19 -9.75
CA ALA B 135 -18.28 -10.69 -8.89
C ALA B 135 -18.34 -10.14 -7.46
N GLY B 136 -19.26 -10.67 -6.67
CA GLY B 136 -19.38 -10.26 -5.28
C GLY B 136 -19.57 -11.45 -4.36
N ILE B 137 -19.60 -11.19 -3.05
CA ILE B 137 -19.88 -12.24 -2.07
C ILE B 137 -21.36 -12.20 -1.69
N TYR B 138 -22.05 -13.31 -1.95
CA TYR B 138 -23.50 -13.38 -1.80
C TYR B 138 -23.94 -13.81 -0.41
N PHE B 139 -25.06 -13.25 0.05
CA PHE B 139 -25.63 -13.60 1.35
C PHE B 139 -27.13 -13.78 1.19
N ALA B 140 -27.77 -14.36 2.22
CA ALA B 140 -29.21 -14.56 2.19
C ALA B 140 -29.82 -14.35 3.58
N GLU B 141 -31.11 -14.06 3.63
CA GLU B 141 -31.80 -13.94 4.90
C GLU B 141 -32.48 -15.26 5.25
N ASN B 142 -32.59 -16.12 4.24
CA ASN B 142 -33.11 -17.47 4.44
C ASN B 142 -31.98 -18.50 4.45
N SER B 143 -31.84 -19.21 5.56
CA SER B 143 -30.75 -20.15 5.73
C SER B 143 -30.74 -21.27 4.69
N SER B 144 -31.94 -21.66 4.24
CA SER B 144 -32.05 -22.71 3.23
C SER B 144 -31.53 -22.27 1.87
N LYS B 145 -31.55 -20.95 1.64
CA LYS B 145 -31.02 -20.37 0.41
C LYS B 145 -29.50 -20.52 0.38
N SER B 146 -28.85 -20.14 1.48
CA SER B 146 -27.41 -20.30 1.61
C SER B 146 -27.01 -21.78 1.57
N ASN B 147 -27.89 -22.63 2.09
CA ASN B 147 -27.65 -24.07 2.11
C ASN B 147 -27.46 -24.67 0.72
N GLN B 148 -28.00 -23.97 -0.29
CA GLN B 148 -27.88 -24.42 -1.68
C GLN B 148 -26.44 -24.33 -2.19
N TYR B 149 -25.58 -23.65 -1.45
CA TYR B 149 -24.24 -23.36 -1.94
C TYR B 149 -23.13 -23.91 -1.04
N VAL B 150 -23.50 -24.73 -0.07
CA VAL B 150 -22.55 -25.33 0.85
C VAL B 150 -21.56 -26.25 0.12
N TYR B 151 -22.04 -26.92 -0.93
CA TYR B 151 -21.19 -27.80 -1.72
C TYR B 151 -20.88 -27.22 -3.11
N GLY B 152 -21.06 -25.91 -3.27
CA GLY B 152 -20.71 -25.26 -4.53
C GLY B 152 -21.88 -24.61 -5.25
N ILE B 153 -21.61 -24.05 -6.43
CA ILE B 153 -22.64 -23.41 -7.24
C ILE B 153 -23.68 -24.42 -7.71
N GLY B 154 -24.95 -24.16 -7.39
CA GLY B 154 -26.02 -25.06 -7.75
C GLY B 154 -25.94 -26.37 -6.98
N GLY B 155 -25.26 -26.33 -5.84
CA GLY B 155 -25.12 -27.49 -5.00
C GLY B 155 -23.93 -28.36 -5.38
N GLY B 156 -23.26 -28.00 -6.47
CA GLY B 156 -22.13 -28.77 -6.97
C GLY B 156 -22.51 -30.20 -7.25
N THR B 157 -21.66 -31.13 -6.83
CA THR B 157 -21.97 -32.55 -6.96
C THR B 157 -22.45 -33.11 -5.64
N GLY B 158 -22.74 -32.22 -4.70
CA GLY B 158 -23.19 -32.63 -3.37
C GLY B 158 -22.02 -32.95 -2.46
N CYS B 159 -22.30 -33.71 -1.40
CA CYS B 159 -21.29 -34.10 -0.43
C CYS B 159 -20.17 -34.90 -1.08
N PRO B 160 -18.93 -34.73 -0.60
CA PRO B 160 -17.76 -35.43 -1.16
C PRO B 160 -17.87 -36.95 -1.09
N VAL B 161 -18.51 -37.48 -0.05
CA VAL B 161 -18.54 -38.93 0.18
C VAL B 161 -19.57 -39.67 -0.67
N HIS B 162 -20.81 -39.18 -0.70
CA HIS B 162 -21.89 -39.89 -1.39
C HIS B 162 -22.30 -39.22 -2.70
N LYS B 163 -21.75 -38.03 -2.95
CA LYS B 163 -22.14 -37.22 -4.11
C LYS B 163 -23.65 -36.97 -4.13
N ASP B 164 -24.19 -36.69 -2.95
CA ASP B 164 -25.63 -36.49 -2.77
C ASP B 164 -25.88 -35.05 -2.34
N ARG B 165 -26.61 -34.30 -3.15
CA ARG B 165 -26.95 -32.93 -2.82
C ARG B 165 -27.96 -32.88 -1.68
N SER B 166 -28.61 -34.01 -1.41
CA SER B 166 -29.60 -34.10 -0.34
C SER B 166 -29.19 -35.11 0.71
N CYS B 167 -27.89 -35.21 0.98
CA CYS B 167 -27.38 -36.13 1.97
C CYS B 167 -27.82 -35.73 3.37
N TYR B 168 -28.27 -36.70 4.15
CA TYR B 168 -28.68 -36.45 5.53
C TYR B 168 -27.62 -36.96 6.50
N ILE B 169 -26.59 -37.59 5.95
CA ILE B 169 -25.53 -38.20 6.75
C ILE B 169 -24.37 -37.25 6.99
N CYS B 170 -23.79 -36.73 5.92
CA CYS B 170 -22.64 -35.82 6.01
C CYS B 170 -23.02 -34.49 6.68
N HIS B 171 -22.16 -34.05 7.60
CA HIS B 171 -22.41 -32.80 8.34
C HIS B 171 -22.02 -31.58 7.51
N ARG B 172 -22.86 -30.55 7.56
CA ARG B 172 -22.64 -29.34 6.78
C ARG B 172 -22.27 -28.16 7.67
N GLN B 173 -21.79 -27.08 7.05
CA GLN B 173 -21.46 -25.87 7.78
C GLN B 173 -21.98 -24.60 7.10
N LEU B 174 -22.59 -23.72 7.89
CA LEU B 174 -23.05 -22.42 7.40
C LEU B 174 -22.49 -21.30 8.24
N LEU B 175 -22.41 -20.11 7.65
CA LEU B 175 -21.95 -18.94 8.38
C LEU B 175 -23.08 -17.91 8.57
N PHE B 176 -23.25 -17.46 9.80
CA PHE B 176 -24.17 -16.38 10.10
C PHE B 176 -23.35 -15.12 10.37
N CYS B 177 -23.34 -14.20 9.42
CA CYS B 177 -22.36 -13.13 9.38
C CYS B 177 -22.92 -11.75 9.70
N ARG B 178 -22.07 -10.90 10.26
CA ARG B 178 -22.34 -9.46 10.32
C ARG B 178 -22.07 -8.90 8.94
N VAL B 179 -23.10 -8.37 8.28
CA VAL B 179 -22.91 -7.78 6.96
C VAL B 179 -23.21 -6.29 6.96
N THR B 180 -22.26 -5.51 6.47
CA THR B 180 -22.44 -4.07 6.31
C THR B 180 -22.95 -3.77 4.91
N LEU B 181 -24.18 -3.30 4.81
CA LEU B 181 -24.81 -3.07 3.52
C LEU B 181 -24.71 -1.61 3.07
N GLY B 182 -24.74 -0.70 4.04
CA GLY B 182 -24.70 0.72 3.75
C GLY B 182 -25.87 1.16 2.90
N LYS B 183 -25.60 1.97 1.89
CA LYS B 183 -26.63 2.34 0.93
C LYS B 183 -26.71 1.25 -0.13
N SER B 184 -27.77 0.45 -0.04
CA SER B 184 -27.90 -0.73 -0.89
C SER B 184 -28.67 -0.43 -2.16
N PHE B 185 -28.22 -0.99 -3.27
CA PHE B 185 -28.86 -0.80 -4.57
C PHE B 185 -29.92 -1.89 -4.79
N LEU B 186 -31.17 -1.47 -4.92
CA LEU B 186 -32.27 -2.41 -5.14
C LEU B 186 -32.42 -2.76 -6.62
N GLN B 187 -32.28 -4.04 -6.93
CA GLN B 187 -32.41 -4.52 -8.30
C GLN B 187 -33.30 -5.76 -8.35
N PHE B 188 -34.06 -5.89 -9.44
CA PHE B 188 -35.00 -7.00 -9.57
C PHE B 188 -34.55 -8.03 -10.60
N SER B 189 -33.82 -7.57 -11.63
CA SER B 189 -33.31 -8.46 -12.66
C SER B 189 -31.80 -8.60 -12.57
N ALA B 190 -31.21 -9.30 -13.54
CA ALA B 190 -29.76 -9.52 -13.56
C ALA B 190 -29.01 -8.21 -13.78
N MET B 191 -27.87 -8.08 -13.11
CA MET B 191 -27.07 -6.88 -13.18
C MET B 191 -25.63 -7.22 -12.78
N LYS B 192 -24.86 -7.74 -13.73
CA LYS B 192 -23.51 -8.22 -13.45
C LYS B 192 -22.52 -7.08 -13.18
N MET B 193 -22.27 -6.83 -11.90
CA MET B 193 -21.40 -5.76 -11.46
C MET B 193 -20.00 -6.27 -11.15
N ALA B 194 -19.02 -5.38 -11.20
CA ALA B 194 -17.67 -5.72 -10.77
C ALA B 194 -17.42 -5.11 -9.39
N HIS B 195 -18.14 -4.03 -9.11
CA HIS B 195 -18.15 -3.40 -7.80
C HIS B 195 -19.57 -2.92 -7.54
N SER B 196 -19.80 -2.31 -6.39
CA SER B 196 -21.10 -1.71 -6.10
C SER B 196 -21.41 -0.65 -7.14
N PRO B 197 -22.70 -0.43 -7.44
CA PRO B 197 -23.08 0.71 -8.29
C PRO B 197 -22.64 2.01 -7.63
N PRO B 198 -22.35 3.05 -8.42
CA PRO B 198 -21.86 4.32 -7.88
C PRO B 198 -22.75 4.87 -6.78
N GLY B 199 -22.15 5.42 -5.73
CA GLY B 199 -22.89 6.01 -4.64
C GLY B 199 -23.47 4.99 -3.67
N HIS B 200 -23.32 3.71 -4.00
CA HIS B 200 -23.83 2.62 -3.17
C HIS B 200 -22.72 1.70 -2.67
N HIS B 201 -23.04 0.80 -1.75
CA HIS B 201 -22.04 -0.06 -1.14
C HIS B 201 -22.40 -1.54 -1.23
N SER B 202 -23.65 -1.83 -1.58
CA SER B 202 -24.10 -3.22 -1.73
C SER B 202 -25.27 -3.31 -2.70
N VAL B 203 -25.59 -4.53 -3.10
CA VAL B 203 -26.71 -4.78 -4.00
C VAL B 203 -27.70 -5.72 -3.34
N THR B 204 -28.97 -5.31 -3.30
CA THR B 204 -30.02 -6.17 -2.77
C THR B 204 -30.90 -6.70 -3.90
N GLY B 205 -30.96 -8.02 -4.03
CA GLY B 205 -31.85 -8.63 -4.98
C GLY B 205 -33.21 -8.84 -4.35
N ARG B 206 -34.23 -8.19 -4.90
CA ARG B 206 -35.58 -8.29 -4.35
C ARG B 206 -36.45 -9.29 -5.12
N PRO B 207 -37.26 -10.06 -4.38
CA PRO B 207 -38.16 -11.06 -4.98
C PRO B 207 -39.19 -10.46 -5.92
N SER B 208 -39.50 -11.18 -6.99
CA SER B 208 -40.53 -10.75 -7.94
C SER B 208 -40.93 -11.93 -8.83
N VAL B 209 -42.11 -11.87 -9.41
CA VAL B 209 -42.53 -12.88 -10.37
C VAL B 209 -41.64 -12.79 -11.61
N ASN B 210 -41.40 -13.93 -12.24
CA ASN B 210 -40.49 -14.05 -13.37
C ASN B 210 -39.04 -13.69 -13.02
N GLY B 211 -38.76 -13.58 -11.72
CA GLY B 211 -37.42 -13.25 -11.26
C GLY B 211 -37.02 -14.06 -10.04
N LEU B 212 -36.53 -13.38 -9.01
CA LEU B 212 -36.12 -14.06 -7.79
C LEU B 212 -37.30 -14.45 -6.91
N ALA B 213 -37.21 -15.61 -6.28
CA ALA B 213 -38.25 -16.07 -5.37
C ALA B 213 -37.91 -15.62 -3.94
N LEU B 214 -36.61 -15.61 -3.64
CA LEU B 214 -36.14 -15.17 -2.33
C LEU B 214 -35.10 -14.08 -2.50
N ALA B 215 -35.02 -13.18 -1.53
CA ALA B 215 -34.07 -12.08 -1.57
C ALA B 215 -32.62 -12.55 -1.46
N GLU B 216 -31.68 -11.65 -1.77
CA GLU B 216 -30.26 -11.92 -1.57
C GLU B 216 -29.46 -10.61 -1.52
N TYR B 217 -28.29 -10.68 -0.91
CA TYR B 217 -27.48 -9.47 -0.66
C TYR B 217 -26.03 -9.68 -1.08
N VAL B 218 -25.52 -8.74 -1.87
CA VAL B 218 -24.18 -8.86 -2.43
C VAL B 218 -23.28 -7.70 -2.04
N ILE B 219 -22.10 -8.02 -1.50
CA ILE B 219 -21.06 -7.03 -1.28
C ILE B 219 -19.89 -7.33 -2.21
N TYR B 220 -19.09 -6.30 -2.50
CA TYR B 220 -17.99 -6.46 -3.44
C TYR B 220 -16.66 -6.17 -2.78
N ARG B 221 -16.70 -6.02 -1.46
CA ARG B 221 -15.51 -5.89 -0.64
C ARG B 221 -15.61 -6.85 0.53
N GLY B 222 -14.68 -7.80 0.60
CA GLY B 222 -14.73 -8.86 1.59
C GLY B 222 -14.70 -8.38 3.03
N GLU B 223 -14.07 -7.23 3.27
CA GLU B 223 -13.96 -6.71 4.63
C GLU B 223 -15.28 -6.12 5.12
N GLN B 224 -16.28 -6.10 4.26
CA GLN B 224 -17.58 -5.55 4.61
C GLN B 224 -18.47 -6.60 5.27
N ALA B 225 -17.86 -7.71 5.68
CA ALA B 225 -18.58 -8.78 6.36
C ALA B 225 -17.69 -9.53 7.35
N TYR B 226 -18.26 -9.86 8.51
CA TYR B 226 -17.55 -10.64 9.51
C TYR B 226 -18.30 -11.92 9.83
N PRO B 227 -17.65 -13.07 9.62
CA PRO B 227 -18.27 -14.38 9.84
C PRO B 227 -18.41 -14.70 11.33
N GLU B 228 -19.36 -14.05 12.01
CA GLU B 228 -19.47 -14.16 13.46
C GLU B 228 -19.78 -15.57 13.95
N TYR B 229 -20.74 -16.23 13.31
CA TYR B 229 -21.20 -17.52 13.79
C TYR B 229 -20.96 -18.67 12.80
N LEU B 230 -20.23 -19.68 13.25
CA LEU B 230 -20.03 -20.88 12.47
C LEU B 230 -21.03 -21.95 12.91
N ILE B 231 -21.93 -22.33 12.00
CA ILE B 231 -22.98 -23.29 12.34
C ILE B 231 -22.69 -24.66 11.76
N THR B 232 -22.59 -25.65 12.62
CA THR B 232 -22.40 -27.03 12.18
C THR B 232 -23.71 -27.79 12.34
N TYR B 233 -24.20 -28.33 11.23
CA TYR B 233 -25.53 -28.90 11.20
C TYR B 233 -25.62 -29.97 10.12
N GLN B 234 -26.82 -30.48 9.94
CA GLN B 234 -27.13 -31.35 8.81
C GLN B 234 -28.62 -31.19 8.52
N ILE B 235 -29.02 -31.45 7.27
CA ILE B 235 -30.43 -31.35 6.92
C ILE B 235 -31.16 -32.61 7.39
N MET B 236 -32.42 -32.45 7.76
CA MET B 236 -33.22 -33.56 8.26
C MET B 236 -34.31 -33.96 7.28
N ARG B 237 -34.45 -35.27 7.09
CA ARG B 237 -35.47 -35.81 6.22
C ARG B 237 -36.86 -35.50 6.76
N PRO B 238 -37.77 -35.06 5.88
CA PRO B 238 -39.16 -34.78 6.23
C PRO B 238 -39.91 -36.04 6.65
N GLU B 239 -40.75 -35.94 7.67
CA GLU B 239 -41.53 -37.07 8.12
C GLU B 239 -42.86 -37.16 7.36
N GLY B 240 -43.11 -38.30 6.72
CA GLY B 240 -42.17 -39.41 6.72
C GLY B 240 -42.75 -40.66 7.36
N GLY C 14 14.34 7.89 -9.41
CA GLY C 14 13.75 6.84 -8.60
C GLY C 14 12.31 7.13 -8.20
N THR C 15 11.38 6.55 -8.96
CA THR C 15 9.96 6.75 -8.68
C THR C 15 9.43 5.69 -7.70
N GLU C 16 10.19 4.63 -7.51
CA GLU C 16 9.80 3.58 -6.57
C GLU C 16 10.22 3.95 -5.15
N ASN C 17 9.38 3.59 -4.18
CA ASN C 17 9.69 3.83 -2.78
C ASN C 17 10.49 2.68 -2.17
N LEU C 18 11.81 2.81 -2.21
CA LEU C 18 12.68 1.77 -1.69
C LEU C 18 13.27 2.16 -0.34
N TYR C 19 13.82 3.37 -0.28
CA TYR C 19 14.52 3.83 0.91
C TYR C 19 13.60 4.37 1.99
N PHE C 20 12.34 4.62 1.64
CA PHE C 20 11.43 5.30 2.56
C PHE C 20 10.12 4.55 2.79
N GLN C 21 10.21 3.23 2.93
CA GLN C 21 9.05 2.41 3.25
C GLN C 21 8.75 2.51 4.74
N SER C 22 7.52 2.23 5.13
CA SER C 22 7.15 2.31 6.53
C SER C 22 7.66 1.10 7.32
N MET C 23 8.18 1.35 8.52
CA MET C 23 8.68 0.29 9.38
C MET C 23 7.52 -0.31 10.18
N LEU C 24 7.20 -1.57 9.91
CA LEU C 24 6.04 -2.20 10.54
C LEU C 24 6.36 -2.87 11.87
N ASN C 25 5.33 -3.06 12.68
CA ASN C 25 5.47 -3.53 14.06
C ASN C 25 6.17 -4.88 14.25
N THR C 26 7.50 -4.86 14.09
CA THR C 26 8.30 -6.04 14.39
C THR C 26 8.32 -6.23 15.91
N SER C 27 7.63 -7.25 16.39
CA SER C 27 7.48 -7.47 17.83
C SER C 27 8.13 -8.78 18.28
N GLY C 28 9.35 -8.70 18.79
CA GLY C 28 10.06 -7.44 18.89
C GLY C 28 10.25 -6.95 20.32
N SER C 29 11.50 -6.75 20.71
CA SER C 29 11.81 -6.20 22.04
C SER C 29 12.50 -4.82 22.04
N GLY C 30 13.64 -4.63 21.38
CA GLY C 30 14.34 -5.65 20.61
C GLY C 30 14.72 -5.20 19.22
N THR C 31 15.98 -5.39 18.86
CA THR C 31 16.43 -5.11 17.49
C THR C 31 16.59 -6.41 16.71
N ILE C 32 15.87 -6.52 15.60
CA ILE C 32 16.00 -7.68 14.72
C ILE C 32 16.52 -7.24 13.37
N LEU C 33 17.32 -8.09 12.73
CA LEU C 33 17.89 -7.77 11.43
C LEU C 33 17.27 -8.62 10.32
N ILE C 34 16.83 -7.95 9.27
CA ILE C 34 16.29 -8.65 8.10
C ILE C 34 17.31 -8.71 6.98
N ASP C 35 17.75 -9.92 6.66
CA ASP C 35 18.69 -10.13 5.55
C ASP C 35 18.02 -9.84 4.22
N LEU C 36 18.71 -9.10 3.36
CA LEU C 36 18.18 -8.79 2.03
C LEU C 36 18.86 -9.63 0.95
N SER C 37 18.04 -10.27 0.13
CA SER C 37 18.54 -11.09 -0.97
C SER C 37 19.27 -10.22 -1.99
N PRO C 38 20.37 -10.73 -2.55
CA PRO C 38 21.10 -10.02 -3.62
C PRO C 38 20.24 -9.82 -4.86
N ASP C 39 19.16 -10.58 -4.98
CA ASP C 39 18.23 -10.46 -6.10
C ASP C 39 17.24 -9.31 -5.88
N ASP C 40 17.13 -8.87 -4.63
CA ASP C 40 16.20 -7.80 -4.28
C ASP C 40 16.70 -6.46 -4.80
N LYS C 41 15.80 -5.70 -5.42
CA LYS C 41 16.15 -4.40 -6.00
C LYS C 41 16.53 -3.38 -4.93
N GLU C 42 16.08 -3.64 -3.70
CA GLU C 42 16.44 -2.77 -2.57
C GLU C 42 17.89 -3.00 -2.17
N PHE C 43 18.34 -4.24 -2.30
CA PHE C 43 19.73 -4.60 -2.06
C PHE C 43 20.62 -3.95 -3.11
N GLN C 44 20.21 -4.08 -4.37
CA GLN C 44 20.99 -3.61 -5.51
C GLN C 44 21.12 -2.09 -5.52
N SER C 45 20.09 -1.40 -5.06
CA SER C 45 20.12 0.06 -5.00
C SER C 45 21.05 0.55 -3.91
N VAL C 46 21.09 -0.16 -2.79
CA VAL C 46 21.99 0.17 -1.70
C VAL C 46 23.43 -0.11 -2.11
N GLU C 47 23.65 -1.23 -2.79
CA GLU C 47 24.98 -1.57 -3.28
C GLU C 47 25.43 -0.57 -4.34
N GLU C 48 24.53 -0.22 -5.26
CA GLU C 48 24.85 0.75 -6.30
C GLU C 48 25.20 2.10 -5.69
N GLU C 49 24.47 2.48 -4.65
CA GLU C 49 24.72 3.75 -3.98
C GLU C 49 26.01 3.69 -3.16
N MET C 50 26.41 2.47 -2.79
CA MET C 50 27.65 2.26 -2.07
C MET C 50 28.85 2.42 -3.00
N GLN C 51 28.78 1.77 -4.16
CA GLN C 51 29.91 1.73 -5.09
C GLN C 51 30.12 3.03 -5.86
N SER C 52 29.02 3.65 -6.28
CA SER C 52 29.10 4.80 -7.19
C SER C 52 29.47 6.12 -6.51
N THR C 53 29.44 6.14 -5.18
CA THR C 53 29.75 7.36 -4.44
C THR C 53 31.19 7.40 -3.95
N VAL C 54 32.03 6.50 -4.49
CA VAL C 54 33.43 6.45 -4.10
C VAL C 54 34.25 7.51 -4.82
N ARG C 55 35.02 8.28 -4.07
CA ARG C 55 35.92 9.26 -4.64
C ARG C 55 37.34 9.03 -4.12
N GLU C 56 38.34 9.33 -4.94
CA GLU C 56 39.72 9.26 -4.48
C GLU C 56 40.03 10.48 -3.62
N HIS C 57 40.35 10.24 -2.35
CA HIS C 57 40.57 11.33 -1.40
C HIS C 57 41.94 11.98 -1.57
N ARG C 58 42.28 12.86 -0.63
CA ARG C 58 43.52 13.62 -0.69
C ARG C 58 44.67 12.93 0.05
N ASP C 59 44.33 12.04 0.98
CA ASP C 59 45.34 11.37 1.79
C ASP C 59 45.85 10.08 1.15
N GLY C 60 45.44 9.85 -0.10
CA GLY C 60 45.87 8.67 -0.83
C GLY C 60 45.43 7.39 -0.18
N GLY C 61 44.27 7.44 0.48
CA GLY C 61 43.73 6.29 1.19
C GLY C 61 44.52 5.96 2.44
N HIS C 62 44.90 6.99 3.19
CA HIS C 62 45.65 6.79 4.43
C HIS C 62 44.71 6.41 5.57
N ALA C 63 43.53 7.00 5.59
CA ALA C 63 42.55 6.73 6.64
C ALA C 63 41.67 5.55 6.27
N GLY C 64 40.95 5.66 5.16
CA GLY C 64 40.03 4.63 4.73
C GLY C 64 40.71 3.41 4.16
N GLY C 65 41.75 3.63 3.36
CA GLY C 65 42.47 2.54 2.72
C GLY C 65 42.54 2.72 1.22
N ILE C 66 43.29 1.85 0.55
CA ILE C 66 43.46 1.93 -0.90
C ILE C 66 42.48 1.01 -1.62
N PHE C 67 41.45 1.60 -2.24
CA PHE C 67 40.41 0.82 -2.89
C PHE C 67 39.63 1.59 -3.95
N ASN C 68 39.03 0.85 -4.88
CA ASN C 68 38.14 1.43 -5.88
C ASN C 68 36.72 0.92 -5.69
N ARG C 69 36.60 -0.35 -5.32
CA ARG C 69 35.31 -0.99 -5.11
C ARG C 69 35.21 -1.58 -3.72
N TYR C 70 34.00 -1.98 -3.33
CA TYR C 70 33.79 -2.75 -2.11
C TYR C 70 33.36 -4.16 -2.47
N ASN C 71 33.47 -5.06 -1.49
CA ASN C 71 32.91 -6.39 -1.62
C ASN C 71 31.75 -6.55 -0.64
N ILE C 72 30.53 -6.49 -1.15
CA ILE C 72 29.34 -6.56 -0.31
C ILE C 72 29.05 -7.99 0.12
N LEU C 73 29.09 -8.23 1.43
CA LEU C 73 28.82 -9.56 1.98
C LEU C 73 27.37 -9.69 2.40
N LYS C 74 26.88 -8.70 3.14
CA LYS C 74 25.51 -8.68 3.61
C LYS C 74 24.97 -7.25 3.70
N ILE C 75 23.72 -7.07 3.28
CA ILE C 75 23.00 -5.84 3.54
C ILE C 75 21.75 -6.19 4.35
N GLN C 76 21.63 -5.60 5.54
CA GLN C 76 20.56 -5.93 6.45
C GLN C 76 19.72 -4.71 6.80
N LYS C 77 18.41 -4.91 6.90
CA LYS C 77 17.51 -3.83 7.26
C LYS C 77 17.31 -3.84 8.78
N VAL C 78 17.65 -2.74 9.44
CA VAL C 78 17.57 -2.65 10.89
C VAL C 78 16.16 -2.30 11.35
N CYS C 79 15.48 -3.27 11.94
CA CYS C 79 14.13 -3.06 12.43
C CYS C 79 14.12 -2.97 13.96
N ASN C 80 13.72 -1.81 14.47
CA ASN C 80 13.58 -1.61 15.90
C ASN C 80 12.38 -0.70 16.20
N LYS C 81 11.46 -1.19 17.02
CA LYS C 81 10.24 -0.45 17.31
C LYS C 81 10.51 0.83 18.09
N LYS C 82 11.30 0.72 19.16
CA LYS C 82 11.58 1.86 20.02
C LYS C 82 12.33 2.97 19.27
N LEU C 83 13.25 2.58 18.41
CA LEU C 83 14.04 3.54 17.64
C LEU C 83 13.23 4.24 16.56
N TRP C 84 12.26 3.50 16.00
CA TRP C 84 11.43 4.04 14.93
C TRP C 84 10.41 5.06 15.46
N GLU C 85 9.65 4.66 16.48
CA GLU C 85 8.62 5.52 17.05
C GLU C 85 9.22 6.60 17.95
N ARG C 86 10.36 7.13 17.52
CA ARG C 86 11.13 8.13 18.24
C ARG C 86 11.83 9.00 17.21
N TYR C 87 12.26 8.35 16.13
CA TYR C 87 12.74 9.05 14.96
C TYR C 87 11.57 9.71 14.23
N THR C 88 10.45 9.00 14.17
CA THR C 88 9.24 9.51 13.51
C THR C 88 8.65 10.69 14.27
N HIS C 89 8.76 10.67 15.60
CA HIS C 89 8.25 11.75 16.43
C HIS C 89 9.11 13.00 16.28
N ARG C 90 10.41 12.81 16.09
CA ARG C 90 11.32 13.92 15.85
C ARG C 90 11.09 14.46 14.45
N ARG C 91 10.94 13.57 13.48
CA ARG C 91 10.70 13.95 12.10
C ARG C 91 9.43 14.79 11.96
N LYS C 92 8.42 14.45 12.76
CA LYS C 92 7.16 15.18 12.75
C LYS C 92 7.33 16.59 13.31
N GLU C 93 8.15 16.72 14.36
CA GLU C 93 8.44 18.02 14.95
C GLU C 93 9.22 18.91 13.99
N VAL C 94 10.28 18.35 13.40
CA VAL C 94 11.10 19.08 12.44
C VAL C 94 10.25 19.53 11.26
N SER C 95 9.36 18.64 10.81
CA SER C 95 8.48 18.94 9.69
C SER C 95 7.56 20.11 10.02
N GLU C 96 7.00 20.12 11.22
CA GLU C 96 6.09 21.18 11.65
C GLU C 96 6.79 22.51 11.88
N GLU C 97 8.11 22.48 12.08
CA GLU C 97 8.89 23.69 12.28
C GLU C 97 9.46 24.19 10.96
N ASN C 98 9.34 23.37 9.91
CA ASN C 98 9.92 23.70 8.62
C ASN C 98 8.92 23.60 7.47
N HIS C 99 7.75 24.21 7.66
CA HIS C 99 6.71 24.28 6.62
C HIS C 99 6.37 22.92 6.01
N ASN C 100 6.13 21.93 6.87
CA ASN C 100 5.79 20.57 6.44
C ASN C 100 6.83 19.91 5.53
N HIS C 101 8.07 20.39 5.61
CA HIS C 101 9.18 19.77 4.89
C HIS C 101 10.19 19.17 5.86
N ALA C 102 10.12 17.86 6.03
CA ALA C 102 11.04 17.16 6.92
C ALA C 102 12.45 17.15 6.36
N ASN C 103 12.55 17.22 5.03
CA ASN C 103 13.83 17.14 4.33
C ASN C 103 14.56 15.84 4.67
N GLU C 104 13.95 14.72 4.31
CA GLU C 104 14.48 13.40 4.63
C GLU C 104 15.36 12.89 3.49
N ARG C 105 16.44 12.19 3.83
CA ARG C 105 17.44 11.81 2.84
C ARG C 105 18.35 10.69 3.36
N MET C 106 18.75 9.79 2.45
CA MET C 106 19.67 8.72 2.79
C MET C 106 21.12 9.18 2.80
N LEU C 107 21.79 9.03 3.93
CA LEU C 107 23.19 9.38 4.03
C LEU C 107 23.97 8.24 4.69
N PHE C 108 25.26 8.17 4.40
CA PHE C 108 26.11 7.13 4.99
C PHE C 108 26.63 7.56 6.37
N HIS C 109 26.97 6.58 7.19
CA HIS C 109 27.59 6.84 8.48
C HIS C 109 28.63 5.79 8.84
N GLY C 110 29.77 6.23 9.34
CA GLY C 110 30.81 5.34 9.80
C GLY C 110 31.29 5.68 11.19
N SER C 111 31.42 4.68 12.04
CA SER C 111 31.88 4.85 13.42
C SER C 111 32.16 3.48 14.02
N PRO C 112 32.94 3.43 15.11
CA PRO C 112 33.17 2.16 15.79
C PRO C 112 32.08 1.84 16.80
N PHE C 113 30.89 2.40 16.59
CA PHE C 113 29.78 2.24 17.53
C PHE C 113 28.55 1.66 16.84
N VAL C 114 28.76 0.98 15.73
CA VAL C 114 27.67 0.41 14.93
C VAL C 114 26.74 -0.48 15.76
N ASN C 115 27.34 -1.37 16.55
CA ASN C 115 26.55 -2.26 17.39
C ASN C 115 25.69 -1.52 18.41
N ALA C 116 26.27 -0.50 19.03
CA ALA C 116 25.55 0.30 20.02
C ALA C 116 24.49 1.18 19.37
N ILE C 117 24.72 1.55 18.11
CA ILE C 117 23.80 2.43 17.39
C ILE C 117 22.55 1.69 16.90
N ILE C 118 22.73 0.48 16.39
CA ILE C 118 21.56 -0.29 15.92
C ILE C 118 20.78 -0.89 17.09
N HIS C 119 21.26 -0.68 18.31
CA HIS C 119 20.58 -1.18 19.50
C HIS C 119 19.95 -0.07 20.35
N LYS C 120 20.67 1.04 20.51
CA LYS C 120 20.16 2.14 21.32
C LYS C 120 19.91 3.43 20.53
N GLY C 121 20.32 3.45 19.27
CA GLY C 121 20.15 4.62 18.44
C GLY C 121 21.37 5.53 18.46
N PHE C 122 21.35 6.57 17.64
CA PHE C 122 22.43 7.56 17.65
C PHE C 122 22.39 8.36 18.94
N ASP C 123 23.56 8.60 19.52
CA ASP C 123 23.65 9.26 20.83
C ASP C 123 24.53 10.51 20.73
N GLU C 124 23.91 11.69 20.80
CA GLU C 124 24.64 12.95 20.69
C GLU C 124 25.60 13.16 21.86
N ARG C 125 25.33 12.48 22.96
CA ARG C 125 26.13 12.66 24.17
C ARG C 125 27.54 12.10 24.00
N HIS C 126 27.72 11.27 22.98
CA HIS C 126 29.04 10.72 22.65
C HIS C 126 29.61 11.37 21.40
N ALA C 127 29.47 12.69 21.29
CA ALA C 127 29.93 13.41 20.10
C ALA C 127 31.45 13.58 20.06
N TYR C 128 31.92 14.82 20.15
CA TYR C 128 33.34 15.11 20.05
C TYR C 128 33.67 16.51 20.58
N ILE C 129 32.95 17.52 20.06
CA ILE C 129 33.21 18.96 20.27
C ILE C 129 34.49 19.47 19.58
N GLY C 130 35.41 18.55 19.26
CA GLY C 130 36.62 18.90 18.57
C GLY C 130 36.43 18.83 17.06
N GLY C 131 35.29 18.31 16.64
CA GLY C 131 34.99 18.16 15.23
C GLY C 131 34.88 19.48 14.50
N MET C 132 34.80 19.42 13.17
CA MET C 132 34.75 20.62 12.33
C MET C 132 33.51 21.46 12.60
N PHE C 133 32.37 20.80 12.84
CA PHE C 133 31.12 21.50 13.06
C PHE C 133 30.57 21.30 14.47
N GLY C 134 31.42 20.82 15.36
CA GLY C 134 31.04 20.71 16.77
C GLY C 134 30.53 19.35 17.18
N ALA C 135 29.74 19.34 18.25
CA ALA C 135 29.25 18.10 18.84
C ALA C 135 28.01 17.57 18.12
N GLY C 136 28.21 16.96 16.97
CA GLY C 136 27.10 16.39 16.21
C GLY C 136 27.43 15.02 15.64
N ILE C 137 26.42 14.34 15.13
CA ILE C 137 26.62 13.07 14.43
C ILE C 137 26.77 13.36 12.93
N TYR C 138 27.86 12.86 12.35
CA TYR C 138 28.23 13.22 10.99
C TYR C 138 27.80 12.18 9.96
N PHE C 139 27.41 12.65 8.77
CA PHE C 139 27.00 11.77 7.68
C PHE C 139 27.61 12.25 6.37
N ALA C 140 27.59 11.40 5.34
CA ALA C 140 28.20 11.75 4.06
C ALA C 140 27.47 11.17 2.85
N GLU C 141 27.56 11.87 1.72
CA GLU C 141 27.02 11.39 0.45
C GLU C 141 27.90 10.30 -0.09
N ASN C 142 29.15 10.33 0.33
CA ASN C 142 30.16 9.43 -0.20
C ASN C 142 30.55 8.35 0.80
N SER C 143 30.42 7.10 0.38
CA SER C 143 30.72 5.96 1.25
C SER C 143 32.19 5.94 1.65
N SER C 144 33.07 6.26 0.71
CA SER C 144 34.51 6.23 0.95
C SER C 144 34.93 7.24 2.02
N LYS C 145 34.12 8.28 2.22
CA LYS C 145 34.39 9.26 3.26
C LYS C 145 33.99 8.71 4.63
N SER C 146 32.81 8.11 4.70
CA SER C 146 32.35 7.50 5.95
C SER C 146 33.19 6.28 6.31
N ASN C 147 33.77 5.65 5.28
CA ASN C 147 34.67 4.52 5.50
C ASN C 147 35.92 4.94 6.26
N GLN C 148 36.28 6.21 6.15
CA GLN C 148 37.46 6.74 6.83
C GLN C 148 37.31 6.70 8.34
N TYR C 149 36.08 6.58 8.82
CA TYR C 149 35.80 6.69 10.25
C TYR C 149 35.31 5.38 10.86
N VAL C 150 35.41 4.29 10.10
CA VAL C 150 34.94 2.98 10.56
C VAL C 150 35.66 2.54 11.83
N TYR C 151 36.98 2.70 11.84
CA TYR C 151 37.79 2.27 12.98
C TYR C 151 38.21 3.44 13.87
N GLY C 152 37.42 4.50 13.87
CA GLY C 152 37.71 5.66 14.70
C GLY C 152 38.09 6.89 13.89
N ILE C 153 38.30 8.00 14.58
CA ILE C 153 38.64 9.26 13.92
C ILE C 153 39.97 9.17 13.16
N GLY C 154 39.92 9.51 11.87
CA GLY C 154 41.12 9.51 11.05
C GLY C 154 41.72 8.14 10.84
N GLY C 155 40.87 7.11 10.90
CA GLY C 155 41.31 5.75 10.67
C GLY C 155 41.58 4.97 11.94
N GLY C 156 41.92 5.67 13.01
CA GLY C 156 42.25 5.02 14.27
C GLY C 156 43.51 4.19 14.15
N THR C 157 43.55 3.06 14.87
CA THR C 157 44.70 2.16 14.80
C THR C 157 44.39 0.95 13.92
N GLY C 158 43.60 1.17 12.88
CA GLY C 158 43.25 0.11 11.94
C GLY C 158 42.30 -0.92 12.52
N CYS C 159 42.26 -2.10 11.90
CA CYS C 159 41.41 -3.18 12.36
C CYS C 159 41.99 -3.86 13.60
N PRO C 160 41.12 -4.44 14.44
CA PRO C 160 41.53 -5.03 15.73
C PRO C 160 42.68 -6.03 15.64
N VAL C 161 42.66 -6.92 14.65
CA VAL C 161 43.62 -8.04 14.63
C VAL C 161 44.84 -7.83 13.73
N HIS C 162 44.75 -6.93 12.76
CA HIS C 162 45.87 -6.69 11.84
C HIS C 162 46.50 -5.31 12.00
N LYS C 163 45.78 -4.41 12.68
CA LYS C 163 46.21 -3.03 12.87
C LYS C 163 46.50 -2.35 11.53
N ASP C 164 45.65 -2.62 10.55
CA ASP C 164 45.84 -2.13 9.19
C ASP C 164 44.60 -1.34 8.74
N ARG C 165 44.80 -0.06 8.46
CA ARG C 165 43.70 0.80 8.03
C ARG C 165 43.23 0.44 6.62
N SER C 166 44.11 -0.23 5.87
CA SER C 166 43.78 -0.66 4.52
C SER C 166 43.71 -2.18 4.44
N CYS C 167 43.23 -2.80 5.52
CA CYS C 167 43.09 -4.25 5.58
C CYS C 167 42.07 -4.72 4.55
N TYR C 168 42.32 -5.88 3.95
CA TYR C 168 41.43 -6.40 2.92
C TYR C 168 40.77 -7.69 3.36
N ILE C 169 41.05 -8.12 4.59
CA ILE C 169 40.52 -9.37 5.11
C ILE C 169 39.32 -9.18 6.04
N CYS C 170 39.50 -8.38 7.09
CA CYS C 170 38.46 -8.21 8.11
C CYS C 170 37.21 -7.50 7.59
N HIS C 171 36.06 -7.85 8.15
CA HIS C 171 34.78 -7.29 7.73
C HIS C 171 34.57 -5.89 8.30
N ARG C 172 34.02 -5.00 7.47
CA ARG C 172 33.71 -3.64 7.90
C ARG C 172 32.19 -3.43 7.91
N GLN C 173 31.75 -2.41 8.64
CA GLN C 173 30.32 -2.12 8.71
C GLN C 173 30.04 -0.63 8.53
N LEU C 174 29.20 -0.31 7.55
CA LEU C 174 28.70 1.04 7.36
C LEU C 174 27.20 1.09 7.57
N LEU C 175 26.71 2.26 7.96
CA LEU C 175 25.28 2.46 8.13
C LEU C 175 24.76 3.39 7.03
N PHE C 176 23.69 2.97 6.36
CA PHE C 176 23.03 3.81 5.37
C PHE C 176 21.73 4.31 5.99
N CYS C 177 21.76 5.54 6.49
CA CYS C 177 20.68 6.02 7.35
C CYS C 177 19.73 7.02 6.72
N ARG C 178 18.46 6.93 7.11
CA ARG C 178 17.51 8.00 6.86
C ARG C 178 17.88 9.17 7.75
N VAL C 179 18.32 10.28 7.16
CA VAL C 179 18.64 11.46 7.94
C VAL C 179 17.60 12.55 7.71
N THR C 180 17.04 13.06 8.81
CA THR C 180 16.10 14.17 8.74
C THR C 180 16.87 15.47 8.92
N LEU C 181 17.06 16.18 7.82
CA LEU C 181 17.89 17.39 7.83
C LEU C 181 17.10 18.64 8.21
N GLY C 182 15.83 18.69 7.83
CA GLY C 182 15.00 19.86 8.06
C GLY C 182 15.53 21.08 7.33
N LYS C 183 15.59 22.21 8.04
CA LYS C 183 16.19 23.40 7.47
C LYS C 183 17.70 23.37 7.72
N SER C 184 18.44 22.86 6.75
CA SER C 184 19.88 22.63 6.92
C SER C 184 20.70 23.90 6.69
N PHE C 185 21.47 24.28 7.70
CA PHE C 185 22.32 25.46 7.62
C PHE C 185 23.54 25.19 6.76
N LEU C 186 23.68 25.95 5.67
CA LEU C 186 24.82 25.79 4.77
C LEU C 186 26.03 26.58 5.25
N GLN C 187 27.15 25.89 5.40
CA GLN C 187 28.40 26.49 5.86
C GLN C 187 29.57 25.97 5.04
N PHE C 188 30.45 26.87 4.61
CA PHE C 188 31.61 26.51 3.81
C PHE C 188 32.84 26.27 4.68
N SER C 189 33.04 27.14 5.67
CA SER C 189 34.19 27.03 6.56
C SER C 189 33.87 26.18 7.79
N ALA C 190 34.57 26.44 8.88
CA ALA C 190 34.33 25.72 10.13
C ALA C 190 33.41 26.52 11.04
N MET C 191 32.64 25.82 11.87
CA MET C 191 31.67 26.46 12.75
C MET C 191 31.37 25.55 13.93
N LYS C 192 32.11 25.72 15.03
CA LYS C 192 31.94 24.89 16.21
C LYS C 192 30.58 25.11 16.86
N MET C 193 29.64 24.21 16.60
CA MET C 193 28.29 24.33 17.15
C MET C 193 28.07 23.32 18.27
N ALA C 194 27.18 23.67 19.20
CA ALA C 194 26.77 22.73 20.23
C ALA C 194 25.40 22.17 19.86
N HIS C 195 24.63 22.98 19.16
CA HIS C 195 23.35 22.56 18.62
C HIS C 195 23.25 23.10 17.20
N SER C 196 22.05 23.09 16.63
CA SER C 196 21.86 23.68 15.31
C SER C 196 21.73 25.19 15.45
N PRO C 197 22.14 25.94 14.42
CA PRO C 197 21.92 27.39 14.42
C PRO C 197 20.43 27.69 14.56
N PRO C 198 20.09 28.81 15.21
CA PRO C 198 18.70 29.20 15.46
C PRO C 198 17.83 29.14 14.20
N GLY C 199 16.70 28.45 14.28
CA GLY C 199 15.80 28.31 13.16
C GLY C 199 16.17 27.17 12.24
N HIS C 200 17.26 26.49 12.55
CA HIS C 200 17.74 25.39 11.72
C HIS C 200 17.75 24.06 12.48
N HIS C 201 17.92 22.96 11.76
CA HIS C 201 17.85 21.62 12.36
C HIS C 201 19.08 20.76 12.06
N SER C 202 19.91 21.22 11.14
CA SER C 202 21.11 20.48 10.78
C SER C 202 22.11 21.39 10.07
N VAL C 203 23.34 20.91 9.91
CA VAL C 203 24.37 21.68 9.22
C VAL C 203 24.92 20.91 8.01
N THR C 204 24.97 21.59 6.88
CA THR C 204 25.52 21.01 5.66
C THR C 204 26.86 21.62 5.31
N GLY C 205 27.91 20.80 5.33
CA GLY C 205 29.23 21.25 4.91
C GLY C 205 29.37 21.13 3.41
N ARG C 206 29.56 22.26 2.73
CA ARG C 206 29.71 22.27 1.28
C ARG C 206 31.18 22.36 0.86
N PRO C 207 31.55 21.65 -0.21
CA PRO C 207 32.93 21.60 -0.70
C PRO C 207 33.42 22.95 -1.21
N SER C 208 34.74 23.13 -1.21
CA SER C 208 35.38 24.32 -1.76
C SER C 208 36.86 24.04 -1.96
N VAL C 209 37.56 24.97 -2.60
CA VAL C 209 39.01 24.86 -2.73
C VAL C 209 39.67 25.17 -1.39
N ASN C 210 40.78 24.49 -1.11
CA ASN C 210 41.48 24.55 0.18
C ASN C 210 40.56 24.60 1.41
N GLY C 211 39.50 23.78 1.38
CA GLY C 211 38.57 23.66 2.48
C GLY C 211 38.13 22.22 2.63
N LEU C 212 36.86 21.96 2.32
CA LEU C 212 36.34 20.60 2.33
C LEU C 212 36.42 19.98 0.93
N ALA C 213 36.83 18.72 0.87
CA ALA C 213 36.91 18.01 -0.40
C ALA C 213 35.55 17.46 -0.80
N LEU C 214 34.84 16.88 0.16
CA LEU C 214 33.51 16.34 -0.09
C LEU C 214 32.50 16.91 0.90
N ALA C 215 31.22 16.63 0.66
CA ALA C 215 30.15 17.19 1.48
C ALA C 215 29.88 16.33 2.72
N GLU C 216 29.51 16.99 3.82
CA GLU C 216 29.14 16.30 5.03
C GLU C 216 27.95 16.96 5.72
N TYR C 217 27.21 16.18 6.50
CA TYR C 217 25.97 16.64 7.12
C TYR C 217 25.94 16.32 8.60
N VAL C 218 25.55 17.28 9.42
CA VAL C 218 25.65 17.15 10.86
C VAL C 218 24.30 17.40 11.57
N ILE C 219 23.88 16.44 12.37
CA ILE C 219 22.72 16.63 13.24
C ILE C 219 23.18 16.66 14.69
N TYR C 220 22.43 17.36 15.55
CA TYR C 220 22.80 17.51 16.95
C TYR C 220 21.80 16.82 17.87
N ARG C 221 20.95 16.00 17.26
CA ARG C 221 20.00 15.17 17.99
C ARG C 221 20.01 13.77 17.37
N GLY C 222 20.28 12.77 18.20
CA GLY C 222 20.41 11.41 17.73
C GLY C 222 19.13 10.83 17.16
N GLU C 223 18.00 11.30 17.67
CA GLU C 223 16.71 10.78 17.23
C GLU C 223 16.29 11.38 15.89
N GLN C 224 17.20 12.09 15.23
CA GLN C 224 16.91 12.72 13.96
C GLN C 224 17.46 11.89 12.79
N ALA C 225 17.87 10.67 13.09
CA ALA C 225 18.37 9.75 12.08
C ALA C 225 18.07 8.30 12.46
N TYR C 226 17.70 7.49 11.47
CA TYR C 226 17.41 6.09 11.70
C TYR C 226 18.35 5.20 10.88
N PRO C 227 19.09 4.32 11.57
CA PRO C 227 20.06 3.44 10.89
C PRO C 227 19.37 2.34 10.10
N GLU C 228 18.73 2.70 9.00
CA GLU C 228 17.91 1.74 8.25
C GLU C 228 18.69 0.57 7.67
N TYR C 229 19.88 0.84 7.15
CA TYR C 229 20.66 -0.21 6.50
C TYR C 229 22.00 -0.50 7.17
N LEU C 230 22.20 -1.76 7.55
CA LEU C 230 23.47 -2.23 8.06
C LEU C 230 24.22 -2.93 6.92
N ILE C 231 25.34 -2.33 6.51
CA ILE C 231 26.10 -2.86 5.39
C ILE C 231 27.42 -3.49 5.84
N THR C 232 27.46 -4.82 5.83
CA THR C 232 28.69 -5.55 6.12
C THR C 232 29.47 -5.78 4.83
N TYR C 233 30.68 -5.22 4.78
CA TYR C 233 31.47 -5.25 3.55
C TYR C 233 32.95 -5.35 3.87
N GLN C 234 33.76 -5.52 2.81
CA GLN C 234 35.20 -5.43 2.93
C GLN C 234 35.75 -4.77 1.67
N ILE C 235 36.70 -3.85 1.85
CA ILE C 235 37.28 -3.15 0.71
C ILE C 235 38.09 -4.12 -0.15
N MET C 236 38.05 -3.91 -1.47
CA MET C 236 38.72 -4.81 -2.40
C MET C 236 40.04 -4.23 -2.90
N ARG C 237 41.06 -5.08 -2.92
CA ARG C 237 42.38 -4.70 -3.41
C ARG C 237 42.35 -4.44 -4.92
N PRO C 238 42.89 -3.29 -5.35
CA PRO C 238 42.99 -2.97 -6.78
C PRO C 238 43.97 -3.90 -7.48
N GLU C 239 44.16 -3.71 -8.78
CA GLU C 239 45.06 -4.56 -9.54
C GLU C 239 46.10 -3.73 -10.29
N GLY C 240 47.18 -3.36 -9.60
CA GLY C 240 47.38 -3.72 -8.21
C GLY C 240 48.74 -3.33 -7.69
#